data_5EX6
#
_entry.id   5EX6
#
_cell.length_a   109.520
_cell.length_b   109.520
_cell.length_c   187.700
_cell.angle_alpha   90.00
_cell.angle_beta   90.00
_cell.angle_gamma   120.00
#
_symmetry.space_group_name_H-M   'P 65'
#
loop_
_entity.id
_entity.type
_entity.pdbx_description
1 polymer 'Cytochrome P450'
2 non-polymer 1,2-ETHANEDIOL
3 non-polymer 'PROTOPORPHYRIN IX CONTAINING FE'
4 non-polymer GLYCEROL
5 water water
#
_entity_poly.entity_id   1
_entity_poly.type   'polypeptide(L)'
_entity_poly.pdbx_seq_one_letter_code
;MGSSHHHHHHSSGLVPRGSHMASMTGGQQMGRGSEFMSGDDRPPIHTLRQGFDPADELRAAGELTRVRLGSGADAEHTWL
ATGHDVVRQVLGDHTRFSTRRRFDRNDEIGGKGVFRPRELVGNLMDYDPPEHTRLRRLLAPGFTHRKIRRMAPYIEQIVT
ERLDEMEREGSPADLIELFADEVPGPVLCELLGVPRDDRAMFLQLCHRHLDASLSGRRRAAAGEAFSRYLVTMVARERKD
PGDGLIGMVVAEHGDTVTDEELRGVCVQMMLAGDDNISGMIGLGVLALLRNPEQIAALRGDVPAAERAVDELIRYLTVPY
APTPRTAIEDSTVGDQVIKAGETVLCSLPTANRDPALLPDADRLDVTREAVPHVAFGHGVHHCLGAALARLELRIAYTAL
WRRFPDLRLADPDGATEFRLSTPAYGISRLMVTW
;
_entity_poly.pdbx_strand_id   C,A,B
#
# COMPACT_ATOMS: atom_id res chain seq x y z
N ARG A 42 -13.03 -18.25 -7.67
CA ARG A 42 -13.91 -19.46 -7.47
C ARG A 42 -14.30 -19.73 -6.00
N PRO A 43 -13.33 -19.64 -5.05
CA PRO A 43 -13.75 -19.91 -3.67
C PRO A 43 -14.56 -18.76 -3.06
N PRO A 44 -15.54 -19.09 -2.19
CA PRO A 44 -16.47 -18.09 -1.66
C PRO A 44 -15.76 -17.00 -0.82
N ILE A 45 -16.33 -15.80 -0.85
CA ILE A 45 -15.68 -14.59 -0.31
C ILE A 45 -15.38 -14.65 1.19
N HIS A 46 -16.24 -15.33 1.94
CA HIS A 46 -16.09 -15.44 3.39
C HIS A 46 -14.95 -16.37 3.81
N THR A 47 -14.44 -17.17 2.87
CA THR A 47 -13.33 -18.08 3.14
C THR A 47 -11.96 -17.47 2.85
N LEU A 48 -11.95 -16.24 2.33
CA LEU A 48 -10.72 -15.63 1.84
C LEU A 48 -9.86 -15.00 2.92
N ARG A 49 -8.59 -15.40 2.97
CA ARG A 49 -7.63 -14.84 3.92
C ARG A 49 -6.35 -14.36 3.24
N GLN A 50 -5.65 -13.47 3.92
CA GLN A 50 -4.35 -12.98 3.50
C GLN A 50 -3.52 -12.94 4.77
N GLY A 51 -2.58 -13.87 4.90
CA GLY A 51 -1.81 -14.00 6.14
C GLY A 51 -2.73 -14.36 7.29
N PHE A 52 -2.64 -13.61 8.38
CA PHE A 52 -3.50 -13.83 9.54
C PHE A 52 -4.83 -13.09 9.43
N ASP A 53 -5.04 -12.39 8.31
CA ASP A 53 -6.14 -11.44 8.17
C ASP A 53 -7.22 -11.88 7.20
N PRO A 54 -8.45 -11.35 7.37
CA PRO A 54 -9.44 -11.39 6.30
C PRO A 54 -8.86 -10.75 5.04
N ALA A 55 -9.11 -11.36 3.89
CA ALA A 55 -8.62 -10.83 2.62
C ALA A 55 -9.22 -9.46 2.31
N ASP A 56 -8.47 -8.65 1.56
CA ASP A 56 -8.93 -7.31 1.18
C ASP A 56 -10.33 -7.34 0.56
N GLU A 57 -10.57 -8.29 -0.35
CA GLU A 57 -11.87 -8.42 -1.01
C GLU A 57 -12.98 -8.61 0.02
N LEU A 58 -12.74 -9.48 0.99
CA LEU A 58 -13.66 -9.70 2.11
C LEU A 58 -13.86 -8.45 2.96
N ARG A 59 -12.77 -7.71 3.17
CA ARG A 59 -12.78 -6.51 3.99
C ARG A 59 -13.52 -5.37 3.27
N ALA A 60 -13.54 -5.42 1.94
CA ALA A 60 -14.16 -4.39 1.12
C ALA A 60 -15.68 -4.49 1.10
N ALA A 61 -16.21 -5.69 1.35
CA ALA A 61 -17.66 -5.90 1.34
C ALA A 61 -18.35 -5.05 2.39
N GLY A 62 -19.61 -4.68 2.14
CA GLY A 62 -20.37 -3.85 3.06
C GLY A 62 -20.70 -4.54 4.37
N GLU A 63 -21.23 -3.76 5.31
CA GLU A 63 -21.67 -4.26 6.62
C GLU A 63 -22.63 -5.46 6.46
N LEU A 64 -23.60 -5.31 5.55
CA LEU A 64 -24.60 -6.33 5.30
C LEU A 64 -25.08 -6.26 3.84
N THR A 65 -24.56 -7.15 3.00
CA THR A 65 -24.92 -7.14 1.58
C THR A 65 -25.32 -8.53 1.08
N ARG A 66 -26.01 -8.56 -0.07
CA ARG A 66 -26.39 -9.79 -0.74
C ARG A 66 -25.26 -10.24 -1.67
N VAL A 67 -24.81 -11.46 -1.47
CA VAL A 67 -23.74 -12.02 -2.31
C VAL A 67 -24.18 -13.32 -2.98
N ARG A 68 -23.41 -13.76 -3.97
CA ARG A 68 -23.65 -15.04 -4.60
C ARG A 68 -22.46 -15.96 -4.35
N LEU A 69 -22.74 -17.13 -3.80
CA LEU A 69 -21.74 -18.19 -3.65
C LEU A 69 -21.68 -19.00 -4.95
N GLY A 70 -20.54 -18.97 -5.62
CA GLY A 70 -20.37 -19.70 -6.88
C GLY A 70 -21.15 -19.09 -8.03
N ALA A 75 -25.10 -22.37 -7.53
CA ALA A 75 -25.09 -20.96 -7.14
C ALA A 75 -26.18 -20.66 -6.12
N GLU A 76 -25.75 -20.19 -4.95
CA GLU A 76 -26.68 -19.83 -3.88
C GLU A 76 -26.61 -18.34 -3.58
N HIS A 77 -27.68 -17.79 -3.04
CA HIS A 77 -27.74 -16.38 -2.71
C HIS A 77 -27.99 -16.18 -1.22
N THR A 78 -27.16 -15.35 -0.60
CA THR A 78 -27.16 -15.18 0.86
C THR A 78 -26.87 -13.74 1.30
N TRP A 79 -27.16 -13.45 2.56
CA TRP A 79 -26.68 -12.22 3.20
C TRP A 79 -25.32 -12.48 3.84
N LEU A 80 -24.37 -11.59 3.59
CA LEU A 80 -23.10 -11.62 4.29
C LEU A 80 -23.04 -10.47 5.30
N ALA A 81 -22.98 -10.83 6.58
CA ALA A 81 -22.89 -9.87 7.67
C ALA A 81 -21.44 -9.81 8.16
N THR A 82 -20.86 -8.61 8.14
CA THR A 82 -19.44 -8.42 8.44
C THR A 82 -19.16 -7.51 9.65
N GLY A 83 -20.11 -6.65 9.98
CA GLY A 83 -19.96 -5.75 11.12
C GLY A 83 -20.15 -6.51 12.41
N HIS A 84 -19.49 -6.03 13.47
CA HIS A 84 -19.60 -6.65 14.78
C HIS A 84 -21.02 -6.54 15.32
N ASP A 85 -21.61 -5.35 15.22
CA ASP A 85 -22.98 -5.10 15.66
C ASP A 85 -23.98 -6.02 14.99
N VAL A 86 -23.96 -6.08 13.66
CA VAL A 86 -24.93 -6.87 12.91
C VAL A 86 -24.74 -8.38 13.08
N VAL A 87 -23.50 -8.83 13.29
CA VAL A 87 -23.24 -10.24 13.57
C VAL A 87 -23.87 -10.63 14.91
N ARG A 88 -23.69 -9.77 15.92
CA ARG A 88 -24.29 -9.98 17.23
C ARG A 88 -25.82 -9.99 17.20
N GLN A 89 -26.40 -9.16 16.31
CA GLN A 89 -27.85 -9.07 16.16
C GLN A 89 -28.42 -10.34 15.55
N VAL A 90 -27.71 -10.89 14.56
CA VAL A 90 -28.09 -12.15 13.92
C VAL A 90 -27.93 -13.33 14.87
N LEU A 91 -26.77 -13.42 15.50
CA LEU A 91 -26.42 -14.53 16.39
C LEU A 91 -27.18 -14.54 17.73
N GLY A 92 -27.59 -13.36 18.19
CA GLY A 92 -28.35 -13.24 19.43
C GLY A 92 -29.83 -13.52 19.24
N ASP A 93 -30.23 -13.79 17.99
CA ASP A 93 -31.64 -14.01 17.65
C ASP A 93 -31.93 -15.48 17.39
N HIS A 94 -32.38 -16.19 18.42
CA HIS A 94 -32.68 -17.62 18.32
C HIS A 94 -34.18 -17.88 18.15
N THR A 95 -34.93 -16.84 17.87
CA THR A 95 -36.38 -16.96 17.76
C THR A 95 -36.94 -16.55 16.40
N ARG A 96 -36.16 -15.74 15.67
CA ARG A 96 -36.52 -15.36 14.31
C ARG A 96 -35.57 -15.92 13.25
N PHE A 97 -34.48 -16.55 13.71
CA PHE A 97 -33.59 -17.28 12.80
C PHE A 97 -33.50 -18.74 13.21
N SER A 98 -33.35 -19.62 12.21
CA SER A 98 -33.12 -21.04 12.42
C SER A 98 -31.76 -21.48 11.89
N THR A 99 -31.17 -22.49 12.52
CA THR A 99 -29.90 -23.04 12.08
C THR A 99 -30.04 -24.46 11.56
N ARG A 100 -31.26 -25.02 11.65
CA ARG A 100 -31.51 -26.40 11.24
C ARG A 100 -31.42 -26.55 9.73
N ARG A 101 -30.47 -27.36 9.28
CA ARG A 101 -30.33 -27.71 7.87
C ARG A 101 -31.60 -28.39 7.38
N ARG A 102 -32.10 -27.91 6.25
CA ARG A 102 -33.34 -28.41 5.66
C ARG A 102 -33.04 -28.90 4.25
N PHE A 103 -33.97 -29.64 3.67
CA PHE A 103 -33.76 -30.23 2.36
C PHE A 103 -34.90 -29.91 1.38
N ASP A 104 -34.53 -29.64 0.13
CA ASP A 104 -35.46 -29.39 -0.98
C ASP A 104 -36.15 -28.02 -1.00
N ARG A 105 -36.38 -27.44 0.18
CA ARG A 105 -37.15 -26.18 0.33
C ARG A 105 -38.51 -26.25 -0.35
N ASP A 107 -40.62 -26.58 2.37
CA ASP A 107 -40.13 -27.36 3.51
C ASP A 107 -40.01 -26.51 4.77
N GLU A 108 -40.61 -26.98 5.86
CA GLU A 108 -40.65 -26.29 7.14
C GLU A 108 -39.27 -25.72 7.53
N ILE A 109 -39.24 -24.42 7.85
CA ILE A 109 -37.99 -23.70 8.13
C ILE A 109 -37.35 -23.95 9.51
N GLY A 110 -38.10 -23.67 10.58
CA GLY A 110 -37.61 -23.93 11.94
C GLY A 110 -38.47 -24.99 12.61
N GLY A 111 -38.90 -24.72 13.83
CA GLY A 111 -39.88 -25.57 14.52
C GLY A 111 -39.40 -26.79 15.28
N LYS A 112 -40.37 -27.56 15.76
CA LYS A 112 -40.16 -28.66 16.69
C LYS A 112 -40.53 -30.01 16.08
N GLY A 113 -39.74 -31.04 16.41
CA GLY A 113 -40.08 -32.43 16.07
C GLY A 113 -39.98 -32.81 14.61
N VAL A 114 -39.20 -32.06 13.84
CA VAL A 114 -38.94 -32.39 12.44
C VAL A 114 -37.91 -33.51 12.45
N PHE A 115 -38.01 -34.43 11.49
CA PHE A 115 -37.01 -35.47 11.36
C PHE A 115 -35.61 -34.87 11.17
N ARG A 116 -34.63 -35.50 11.81
CA ARG A 116 -33.25 -35.08 11.68
C ARG A 116 -32.40 -36.28 11.26
N PRO A 117 -31.67 -36.15 10.14
CA PRO A 117 -30.79 -37.20 9.63
C PRO A 117 -29.75 -37.66 10.64
N ARG A 118 -29.36 -38.92 10.55
CA ARG A 118 -28.38 -39.55 11.43
C ARG A 118 -27.15 -38.67 11.68
N GLU A 119 -26.61 -38.11 10.59
CA GLU A 119 -25.36 -37.35 10.61
C GLU A 119 -25.43 -36.07 11.44
N LEU A 120 -26.62 -35.70 11.89
CA LEU A 120 -26.81 -34.42 12.60
C LEU A 120 -27.38 -34.56 14.01
N VAL A 121 -27.79 -35.77 14.39
CA VAL A 121 -28.25 -36.02 15.75
C VAL A 121 -27.10 -35.76 16.73
N GLY A 122 -27.36 -34.94 17.73
CA GLY A 122 -26.36 -34.61 18.74
C GLY A 122 -25.47 -33.46 18.34
N ASN A 123 -25.74 -32.88 17.17
CA ASN A 123 -25.06 -31.68 16.68
C ASN A 123 -25.89 -30.49 17.12
N LEU A 124 -25.49 -29.86 18.23
CA LEU A 124 -26.22 -28.73 18.82
C LEU A 124 -26.44 -27.59 17.84
N MET A 125 -25.51 -27.39 16.92
CA MET A 125 -25.58 -26.31 15.93
C MET A 125 -26.74 -26.47 14.96
N ASP A 126 -27.16 -27.71 14.72
CA ASP A 126 -28.31 -27.99 13.83
C ASP A 126 -29.65 -27.94 14.59
N TYR A 127 -29.61 -27.64 15.89
CA TYR A 127 -30.80 -27.64 16.72
C TYR A 127 -31.39 -26.24 16.97
N ASP A 128 -32.71 -26.12 16.88
CA ASP A 128 -33.41 -24.89 17.31
C ASP A 128 -34.05 -25.09 18.69
N PRO A 129 -34.20 -24.01 19.47
CA PRO A 129 -35.04 -24.11 20.66
C PRO A 129 -36.48 -24.45 20.25
N PRO A 130 -37.20 -25.28 21.03
CA PRO A 130 -36.85 -25.81 22.36
C PRO A 130 -35.91 -27.02 22.36
N GLU A 131 -35.70 -27.62 21.19
CA GLU A 131 -34.83 -28.81 21.12
C GLU A 131 -33.39 -28.52 21.48
N HIS A 132 -32.88 -27.37 21.02
CA HIS A 132 -31.52 -26.95 21.37
C HIS A 132 -31.37 -26.76 22.86
N THR A 133 -32.39 -26.16 23.45
CA THR A 133 -32.41 -25.84 24.87
C THR A 133 -32.34 -27.11 25.72
N ARG A 134 -33.06 -28.17 25.33
CA ARG A 134 -32.95 -29.46 26.02
C ARG A 134 -31.52 -29.98 25.98
N LEU A 135 -30.96 -30.17 24.78
CA LEU A 135 -29.66 -30.83 24.65
C LEU A 135 -28.52 -30.06 25.33
N ARG A 136 -28.49 -28.74 25.13
CA ARG A 136 -27.51 -27.87 25.76
C ARG A 136 -27.55 -27.99 27.28
N ARG A 137 -28.75 -28.04 27.86
CA ARG A 137 -28.91 -28.15 29.30
C ARG A 137 -28.38 -29.47 29.86
N LEU A 138 -28.60 -30.54 29.10
CA LEU A 138 -28.05 -31.86 29.44
C LEU A 138 -26.52 -31.89 29.41
N LEU A 139 -25.93 -31.11 28.51
CA LEU A 139 -24.48 -31.14 28.28
C LEU A 139 -23.72 -30.08 29.07
N ALA A 140 -24.39 -28.97 29.38
CA ALA A 140 -23.75 -27.82 30.06
C ALA A 140 -22.91 -28.15 31.29
N PRO A 141 -23.44 -28.98 32.22
CA PRO A 141 -22.72 -29.25 33.48
C PRO A 141 -21.32 -29.86 33.32
N GLY A 142 -21.00 -30.34 32.13
CA GLY A 142 -19.68 -30.92 31.87
C GLY A 142 -18.68 -29.91 31.35
N PHE A 143 -19.11 -28.66 31.22
CA PHE A 143 -18.29 -27.61 30.58
C PHE A 143 -18.05 -26.37 31.44
N THR A 144 -18.33 -26.46 32.75
CA THR A 144 -18.09 -25.36 33.68
C THR A 144 -16.59 -25.08 33.83
N HIS A 145 -16.27 -23.93 34.43
CA HIS A 145 -14.89 -23.57 34.72
C HIS A 145 -14.28 -24.52 35.75
N ARG A 146 -15.10 -25.00 36.70
CA ARG A 146 -14.64 -25.91 37.72
C ARG A 146 -14.31 -27.29 37.14
N LYS A 147 -15.20 -27.83 36.32
CA LYS A 147 -14.99 -29.15 35.71
C LYS A 147 -13.85 -29.16 34.70
N ILE A 148 -13.78 -28.10 33.90
CA ILE A 148 -12.72 -27.96 32.90
C ILE A 148 -11.36 -27.76 33.59
N ARG A 149 -11.37 -27.07 34.72
CA ARG A 149 -10.16 -26.89 35.53
C ARG A 149 -9.58 -28.23 36.00
N ARG A 150 -10.45 -29.22 36.24
CA ARG A 150 -10.01 -30.54 36.70
C ARG A 150 -9.17 -31.28 35.65
N MET A 151 -9.40 -30.95 34.38
CA MET A 151 -8.70 -31.58 33.25
C MET A 151 -7.27 -31.07 33.06
N ALA A 152 -6.93 -29.98 33.75
CA ALA A 152 -5.60 -29.36 33.64
C ALA A 152 -4.42 -30.36 33.68
N PRO A 153 -4.35 -31.21 34.73
CA PRO A 153 -3.23 -32.16 34.79
C PRO A 153 -3.15 -33.08 33.57
N TYR A 154 -4.29 -33.55 33.07
CA TYR A 154 -4.29 -34.46 31.93
C TYR A 154 -3.86 -33.77 30.64
N ILE A 155 -4.35 -32.55 30.43
CA ILE A 155 -3.91 -31.75 29.29
C ILE A 155 -2.40 -31.53 29.32
N GLU A 156 -1.84 -31.25 30.50
CA GLU A 156 -0.39 -31.06 30.66
C GLU A 156 0.37 -32.33 30.28
N GLN A 157 -0.18 -33.48 30.66
CA GLN A 157 0.39 -34.78 30.33
C GLN A 157 0.43 -34.99 28.82
N ILE A 158 -0.70 -34.75 28.17
CA ILE A 158 -0.85 -34.93 26.72
C ILE A 158 0.10 -34.05 25.93
N VAL A 159 0.18 -32.78 26.34
CA VAL A 159 1.06 -31.80 25.74
C VAL A 159 2.53 -32.22 25.91
N THR A 160 2.87 -32.72 27.09
CA THR A 160 4.21 -33.17 27.42
C THR A 160 4.62 -34.39 26.60
N GLU A 161 3.68 -35.32 26.40
CA GLU A 161 3.94 -36.52 25.61
C GLU A 161 4.24 -36.14 24.16
N ARG A 162 3.52 -35.13 23.65
CA ARG A 162 3.70 -34.66 22.28
C ARG A 162 5.04 -33.93 22.11
N LEU A 163 5.35 -33.04 23.05
CA LEU A 163 6.64 -32.32 23.05
C LEU A 163 7.81 -33.28 23.10
N ASP A 164 7.62 -34.40 23.80
CA ASP A 164 8.62 -35.45 23.90
C ASP A 164 8.90 -36.05 22.54
N GLU A 165 7.84 -36.29 21.76
CA GLU A 165 7.98 -36.85 20.42
C GLU A 165 8.79 -35.95 19.51
N MET A 166 8.54 -34.64 19.61
CA MET A 166 9.30 -33.64 18.88
C MET A 166 10.79 -33.70 19.18
N GLU A 167 11.11 -33.79 20.47
CA GLU A 167 12.51 -33.85 20.92
C GLU A 167 13.21 -35.13 20.46
N ARG A 168 12.44 -36.22 20.42
CA ARG A 168 12.94 -37.52 20.02
C ARG A 168 13.16 -37.53 18.52
N GLU A 169 12.27 -36.86 17.81
CA GLU A 169 12.37 -36.73 16.36
C GLU A 169 13.53 -35.80 16.00
N GLY A 170 13.82 -34.84 16.88
CA GLY A 170 14.90 -33.88 16.68
C GLY A 170 14.52 -32.74 15.75
N SER A 171 15.34 -31.69 15.73
CA SER A 171 15.08 -30.55 14.86
C SER A 171 15.95 -30.59 13.59
N PRO A 172 15.43 -30.02 12.46
CA PRO A 172 14.13 -29.36 12.30
C PRO A 172 12.96 -30.33 12.36
N ALA A 173 11.84 -29.88 12.92
CA ALA A 173 10.66 -30.71 13.10
C ALA A 173 9.39 -30.00 12.63
N ASP A 174 8.42 -30.77 12.14
CA ASP A 174 7.12 -30.22 11.78
C ASP A 174 6.22 -30.11 13.01
N LEU A 175 5.97 -28.88 13.42
CA LEU A 175 5.16 -28.62 14.61
C LEU A 175 3.70 -29.02 14.43
N ILE A 176 3.19 -28.88 13.21
CA ILE A 176 1.80 -29.25 12.91
C ILE A 176 1.54 -30.74 13.11
N GLU A 177 2.33 -31.56 12.43
CA GLU A 177 2.16 -33.01 12.44
C GLU A 177 2.44 -33.65 13.81
N LEU A 178 3.41 -33.10 14.53
CA LEU A 178 3.83 -33.67 15.80
C LEU A 178 3.12 -33.08 17.02
N PHE A 179 2.58 -31.86 16.88
CA PHE A 179 2.03 -31.16 18.04
C PHE A 179 0.60 -30.68 17.79
N ALA A 180 0.44 -29.71 16.88
CA ALA A 180 -0.83 -29.07 16.60
C ALA A 180 -1.98 -30.04 16.28
N ASP A 181 -1.73 -31.00 15.39
CA ASP A 181 -2.75 -31.98 15.02
C ASP A 181 -2.91 -33.09 16.05
N GLU A 182 -2.01 -33.14 17.02
CA GLU A 182 -1.96 -34.28 17.92
C GLU A 182 -2.53 -34.03 19.31
N VAL A 183 -2.54 -32.76 19.73
CA VAL A 183 -3.01 -32.38 21.06
C VAL A 183 -4.54 -32.52 21.27
N PRO A 184 -5.37 -32.05 20.31
CA PRO A 184 -6.82 -31.92 20.54
C PRO A 184 -7.57 -33.23 20.75
N GLY A 185 -7.27 -34.24 19.94
CA GLY A 185 -7.93 -35.56 20.03
C GLY A 185 -8.00 -36.15 21.43
N PRO A 186 -6.83 -36.42 22.06
CA PRO A 186 -6.80 -36.96 23.42
C PRO A 186 -7.57 -36.12 24.43
N VAL A 187 -7.45 -34.80 24.34
CA VAL A 187 -8.18 -33.89 25.24
C VAL A 187 -9.71 -34.10 25.15
N LEU A 188 -10.21 -34.17 23.92
CA LEU A 188 -11.63 -34.44 23.69
C LEU A 188 -12.03 -35.83 24.22
N CYS A 189 -11.14 -36.81 24.10
CA CYS A 189 -11.36 -38.13 24.70
C CYS A 189 -11.60 -38.02 26.21
N GLU A 190 -10.73 -37.26 26.88
CA GLU A 190 -10.85 -37.04 28.31
C GLU A 190 -12.17 -36.34 28.62
N LEU A 191 -12.50 -35.32 27.83
CA LEU A 191 -13.79 -34.65 27.96
C LEU A 191 -14.94 -35.66 27.97
N LEU A 192 -14.94 -36.57 27.01
CA LEU A 192 -16.01 -37.55 26.84
C LEU A 192 -15.98 -38.69 27.85
N GLY A 193 -14.79 -38.98 28.38
CA GLY A 193 -14.60 -40.13 29.26
C GLY A 193 -14.45 -41.42 28.47
N VAL A 194 -13.87 -41.32 27.28
CA VAL A 194 -13.42 -42.49 26.52
C VAL A 194 -12.31 -43.15 27.35
N PRO A 195 -12.46 -44.45 27.66
CA PRO A 195 -11.47 -45.15 28.49
C PRO A 195 -10.03 -44.87 28.04
N ARG A 196 -9.18 -44.51 28.99
CA ARG A 196 -7.79 -44.10 28.69
C ARG A 196 -7.08 -45.04 27.70
N ASP A 197 -7.28 -46.34 27.89
CA ASP A 197 -6.63 -47.36 27.06
C ASP A 197 -7.29 -47.56 25.70
N ASP A 198 -8.51 -47.07 25.53
CA ASP A 198 -9.22 -47.19 24.26
C ASP A 198 -8.88 -46.08 23.28
N ARG A 199 -8.08 -45.10 23.72
CA ARG A 199 -7.96 -43.83 23.01
C ARG A 199 -7.27 -43.89 21.66
N ALA A 200 -6.20 -44.67 21.56
CA ALA A 200 -5.51 -44.85 20.29
C ALA A 200 -6.42 -45.40 19.20
N MET A 201 -7.23 -46.42 19.54
CA MET A 201 -8.14 -46.97 18.55
C MET A 201 -9.32 -46.05 18.30
N PHE A 202 -9.84 -45.44 19.36
CA PHE A 202 -10.89 -44.45 19.23
C PHE A 202 -10.50 -43.36 18.23
N LEU A 203 -9.31 -42.78 18.39
CA LEU A 203 -8.91 -41.65 17.56
C LEU A 203 -8.70 -41.99 16.09
N GLN A 204 -8.23 -43.21 15.82
CA GLN A 204 -8.02 -43.65 14.44
C GLN A 204 -9.35 -43.90 13.74
N LEU A 205 -10.26 -44.59 14.42
CA LEU A 205 -11.61 -44.82 13.92
C LEU A 205 -12.31 -43.50 13.63
N CYS A 206 -12.19 -42.57 14.56
CA CYS A 206 -12.75 -41.23 14.40
C CYS A 206 -12.10 -40.49 13.23
N HIS A 207 -10.78 -40.48 13.16
CA HIS A 207 -10.06 -39.83 12.07
C HIS A 207 -10.59 -40.26 10.69
N ARG A 208 -10.77 -41.57 10.50
CA ARG A 208 -11.27 -42.11 9.24
C ARG A 208 -12.70 -41.69 8.94
N HIS A 209 -13.52 -41.65 9.99
CA HIS A 209 -14.92 -41.30 9.84
C HIS A 209 -15.10 -39.83 9.43
N LEU A 210 -14.33 -38.94 10.05
CA LEU A 210 -14.39 -37.51 9.76
C LEU A 210 -13.45 -37.10 8.62
N ASP A 211 -12.94 -38.09 7.89
CA ASP A 211 -12.04 -37.85 6.76
C ASP A 211 -12.87 -37.47 5.53
N ALA A 212 -12.87 -36.18 5.19
CA ALA A 212 -13.66 -35.65 4.07
C ALA A 212 -13.18 -36.18 2.72
N SER A 213 -11.94 -36.65 2.67
CA SER A 213 -11.34 -37.18 1.45
C SER A 213 -11.87 -38.57 1.04
N LEU A 214 -12.60 -39.23 1.94
CA LEU A 214 -13.15 -40.56 1.63
C LEU A 214 -14.58 -40.48 1.10
N SER A 215 -14.88 -41.32 0.11
CA SER A 215 -16.23 -41.43 -0.45
C SER A 215 -16.59 -42.90 -0.67
N GLY A 216 -17.83 -43.16 -1.08
CA GLY A 216 -18.30 -44.52 -1.34
C GLY A 216 -18.19 -45.46 -0.16
N ARG A 217 -17.82 -46.71 -0.43
CA ARG A 217 -17.73 -47.76 0.58
C ARG A 217 -16.68 -47.52 1.65
N ARG A 218 -15.55 -46.93 1.27
CA ARG A 218 -14.51 -46.64 2.23
C ARG A 218 -14.99 -45.64 3.30
N ARG A 219 -15.79 -44.66 2.87
CA ARG A 219 -16.41 -43.72 3.82
C ARG A 219 -17.45 -44.43 4.69
N ALA A 220 -18.32 -45.19 4.04
CA ALA A 220 -19.41 -45.89 4.73
C ALA A 220 -18.88 -46.87 5.76
N ALA A 221 -17.80 -47.57 5.42
CA ALA A 221 -17.19 -48.56 6.30
C ALA A 221 -16.52 -47.89 7.49
N ALA A 222 -15.84 -46.77 7.23
CA ALA A 222 -15.24 -45.99 8.30
C ALA A 222 -16.32 -45.58 9.30
N GLY A 223 -17.48 -45.15 8.79
CA GLY A 223 -18.64 -44.82 9.61
C GLY A 223 -19.16 -46.00 10.41
N GLU A 224 -19.33 -47.14 9.74
CA GLU A 224 -19.80 -48.36 10.39
C GLU A 224 -18.88 -48.79 11.54
N ALA A 225 -17.57 -48.75 11.31
CA ALA A 225 -16.60 -49.22 12.31
C ALA A 225 -16.63 -48.36 13.57
N PHE A 226 -16.62 -47.04 13.37
CA PHE A 226 -16.62 -46.11 14.48
C PHE A 226 -17.91 -46.29 15.27
N SER A 227 -19.00 -46.47 14.55
CA SER A 227 -20.30 -46.69 15.15
C SER A 227 -20.30 -47.97 16.02
N ARG A 228 -19.60 -49.01 15.57
CA ARG A 228 -19.43 -50.23 16.35
C ARG A 228 -18.79 -50.01 17.74
N TYR A 229 -17.76 -49.16 17.79
CA TYR A 229 -17.10 -48.87 19.04
C TYR A 229 -18.00 -48.04 19.97
N LEU A 230 -18.67 -47.02 19.41
CA LEU A 230 -19.54 -46.13 20.17
C LEU A 230 -20.77 -46.82 20.75
N VAL A 231 -21.23 -47.88 20.09
CA VAL A 231 -22.31 -48.72 20.59
C VAL A 231 -21.86 -49.45 21.86
N THR A 232 -20.66 -50.01 21.80
CA THR A 232 -20.03 -50.66 22.94
C THR A 232 -19.80 -49.66 24.08
N MET A 233 -19.31 -48.47 23.72
CA MET A 233 -19.02 -47.44 24.71
C MET A 233 -20.26 -46.99 25.47
N VAL A 234 -21.37 -46.82 24.74
CA VAL A 234 -22.62 -46.40 25.36
C VAL A 234 -23.19 -47.50 26.25
N ALA A 235 -23.07 -48.75 25.81
CA ALA A 235 -23.51 -49.90 26.62
C ALA A 235 -22.70 -50.00 27.91
N ARG A 236 -21.39 -49.81 27.82
CA ARG A 236 -20.52 -49.76 29.02
C ARG A 236 -20.99 -48.67 29.98
N GLU A 237 -21.33 -47.50 29.44
CA GLU A 237 -21.73 -46.36 30.25
C GLU A 237 -23.10 -46.54 30.90
N ARG A 238 -24.01 -47.23 30.22
CA ARG A 238 -25.33 -47.54 30.75
C ARG A 238 -25.27 -48.49 31.94
N LYS A 239 -24.23 -49.30 32.02
CA LYS A 239 -24.08 -50.26 33.12
C LYS A 239 -23.29 -49.69 34.28
N ASP A 240 -22.19 -48.99 33.96
CA ASP A 240 -21.44 -48.27 34.97
C ASP A 240 -20.95 -46.90 34.46
N PRO A 241 -21.78 -45.85 34.67
CA PRO A 241 -21.49 -44.49 34.24
C PRO A 241 -20.11 -44.05 34.67
N GLY A 242 -19.37 -43.48 33.72
CA GLY A 242 -18.01 -42.99 33.98
C GLY A 242 -18.02 -41.55 34.47
N ASP A 243 -16.84 -40.95 34.51
CA ASP A 243 -16.68 -39.61 35.07
C ASP A 243 -16.45 -38.51 34.01
N GLY A 244 -16.66 -38.84 32.74
CA GLY A 244 -16.63 -37.86 31.66
C GLY A 244 -18.02 -37.40 31.29
N LEU A 245 -18.17 -36.90 30.06
CA LEU A 245 -19.41 -36.29 29.64
C LEU A 245 -20.56 -37.28 29.48
N ILE A 246 -20.29 -38.38 28.76
CA ILE A 246 -21.28 -39.41 28.55
C ILE A 246 -21.80 -39.97 29.88
N GLY A 247 -20.88 -40.36 30.76
CA GLY A 247 -21.21 -40.86 32.09
C GLY A 247 -21.99 -39.88 32.95
N MET A 248 -21.62 -38.61 32.89
CA MET A 248 -22.34 -37.55 33.60
C MET A 248 -23.81 -37.50 33.18
N VAL A 249 -24.04 -37.54 31.86
CA VAL A 249 -25.37 -37.44 31.30
C VAL A 249 -26.25 -38.64 31.66
N VAL A 250 -25.72 -39.87 31.57
CA VAL A 250 -26.53 -41.05 31.88
C VAL A 250 -26.85 -41.17 33.38
N ALA A 251 -25.95 -40.67 34.23
CA ALA A 251 -26.16 -40.70 35.68
C ALA A 251 -27.28 -39.75 36.09
N GLU A 252 -27.37 -38.61 35.41
CA GLU A 252 -28.35 -37.59 35.77
C GLU A 252 -29.66 -37.73 34.97
N HIS A 253 -29.55 -37.98 33.66
CA HIS A 253 -30.74 -37.99 32.80
C HIS A 253 -30.96 -39.29 32.03
N GLY A 254 -30.29 -40.36 32.48
CA GLY A 254 -30.25 -41.65 31.78
C GLY A 254 -31.49 -42.08 31.02
N ASP A 255 -32.60 -42.26 31.72
CA ASP A 255 -33.83 -42.79 31.13
C ASP A 255 -34.55 -41.83 30.15
N THR A 256 -34.11 -40.58 30.10
CA THR A 256 -34.72 -39.59 29.20
C THR A 256 -33.84 -39.21 28.00
N VAL A 257 -32.59 -39.67 27.98
CA VAL A 257 -31.70 -39.47 26.85
C VAL A 257 -31.51 -40.79 26.07
N THR A 258 -31.40 -40.70 24.75
CA THR A 258 -31.29 -41.89 23.90
C THR A 258 -29.85 -42.27 23.64
N ASP A 259 -29.63 -43.53 23.25
CA ASP A 259 -28.32 -44.03 22.85
C ASP A 259 -27.82 -43.33 21.58
N GLU A 260 -28.72 -43.13 20.61
CA GLU A 260 -28.39 -42.38 19.38
C GLU A 260 -27.82 -41.02 19.72
N GLU A 261 -28.47 -40.34 20.66
CA GLU A 261 -28.06 -39.01 21.07
C GLU A 261 -26.69 -39.02 21.71
N LEU A 262 -26.45 -39.98 22.60
CA LEU A 262 -25.15 -40.13 23.22
C LEU A 262 -24.06 -40.47 22.21
N ARG A 263 -24.38 -41.31 21.22
CA ARG A 263 -23.41 -41.66 20.17
C ARG A 263 -23.15 -40.44 19.29
N GLY A 264 -24.21 -39.70 18.98
CA GLY A 264 -24.11 -38.46 18.20
C GLY A 264 -23.28 -37.40 18.91
N VAL A 265 -23.53 -37.20 20.20
CA VAL A 265 -22.73 -36.29 21.01
C VAL A 265 -21.24 -36.58 20.89
N CYS A 266 -20.87 -37.85 20.84
CA CYS A 266 -19.47 -38.25 20.74
C CYS A 266 -18.80 -37.80 19.45
N VAL A 267 -19.46 -38.05 18.32
CA VAL A 267 -18.95 -37.67 17.00
C VAL A 267 -18.85 -36.15 16.89
N GLN A 268 -19.90 -35.48 17.36
CA GLN A 268 -20.06 -34.05 17.18
C GLN A 268 -19.12 -33.22 18.05
N MET A 269 -18.76 -33.75 19.23
CA MET A 269 -17.73 -33.14 20.05
C MET A 269 -16.37 -33.21 19.36
N MET A 270 -16.10 -34.35 18.72
CA MET A 270 -14.84 -34.55 17.99
C MET A 270 -14.73 -33.63 16.79
N LEU A 271 -15.88 -33.38 16.15
CA LEU A 271 -15.92 -32.55 14.96
C LEU A 271 -15.82 -31.08 15.33
N ALA A 272 -16.38 -30.73 16.49
CA ALA A 272 -16.45 -29.34 16.90
C ALA A 272 -15.14 -28.84 17.49
N GLY A 273 -14.37 -29.74 18.12
CA GLY A 273 -13.23 -29.33 18.93
C GLY A 273 -11.84 -29.69 18.46
N ASP A 274 -11.70 -30.15 17.22
CA ASP A 274 -10.40 -30.59 16.72
C ASP A 274 -9.74 -29.53 15.85
N ASP A 275 -10.30 -29.32 14.65
CA ASP A 275 -9.76 -28.39 13.64
C ASP A 275 -9.52 -26.98 14.16
N ASN A 276 -10.40 -26.50 15.02
CA ASN A 276 -10.26 -25.17 15.59
C ASN A 276 -9.03 -25.04 16.47
N ILE A 277 -8.78 -26.06 17.30
CA ILE A 277 -7.65 -26.06 18.22
C ILE A 277 -6.33 -26.26 17.48
N SER A 278 -6.29 -27.25 16.57
CA SER A 278 -5.08 -27.48 15.78
C SER A 278 -4.74 -26.25 14.91
N GLY A 279 -5.78 -25.58 14.39
CA GLY A 279 -5.61 -24.32 13.67
C GLY A 279 -5.04 -23.19 14.52
N MET A 280 -5.52 -23.05 15.75
CA MET A 280 -5.04 -22.04 16.67
C MET A 280 -3.60 -22.29 17.12
N ILE A 281 -3.26 -23.55 17.39
CA ILE A 281 -1.89 -23.88 17.78
C ILE A 281 -0.92 -23.52 16.65
N GLY A 282 -1.23 -23.95 15.44
CA GLY A 282 -0.40 -23.67 14.27
C GLY A 282 -0.22 -22.19 14.01
N LEU A 283 -1.34 -21.49 13.83
CA LEU A 283 -1.36 -20.06 13.53
C LEU A 283 -0.81 -19.22 14.67
N GLY A 284 -1.15 -19.60 15.89
CA GLY A 284 -0.73 -18.87 17.08
C GLY A 284 0.77 -18.90 17.27
N VAL A 285 1.38 -20.04 16.93
CA VAL A 285 2.83 -20.18 17.05
C VAL A 285 3.53 -19.31 16.00
N LEU A 286 3.05 -19.37 14.76
CA LEU A 286 3.60 -18.53 13.69
C LEU A 286 3.45 -17.04 14.02
N ALA A 287 2.28 -16.64 14.50
CA ALA A 287 2.02 -15.26 14.90
C ALA A 287 3.00 -14.77 15.97
N LEU A 288 3.18 -15.58 17.01
CA LEU A 288 4.12 -15.25 18.09
C LEU A 288 5.59 -15.23 17.61
N LEU A 289 5.98 -16.20 16.79
CA LEU A 289 7.35 -16.23 16.26
C LEU A 289 7.68 -15.00 15.39
N ARG A 290 6.68 -14.52 14.68
CA ARG A 290 6.83 -13.35 13.82
C ARG A 290 6.63 -12.05 14.59
N ASN A 291 6.14 -12.17 15.82
CA ASN A 291 6.04 -11.06 16.76
C ASN A 291 6.71 -11.44 18.08
N PRO A 292 8.03 -11.73 18.04
CA PRO A 292 8.76 -12.38 19.14
C PRO A 292 8.71 -11.64 20.48
N GLU A 293 8.66 -10.32 20.45
CA GLU A 293 8.53 -9.50 21.66
C GLU A 293 7.28 -9.85 22.50
N GLN A 294 6.25 -10.35 21.82
CA GLN A 294 4.98 -10.70 22.47
C GLN A 294 4.95 -12.11 23.08
N ILE A 295 5.99 -12.90 22.86
CA ILE A 295 6.12 -14.24 23.45
C ILE A 295 6.22 -14.19 24.99
N ALA A 296 6.82 -13.13 25.51
CA ALA A 296 7.01 -12.92 26.95
C ALA A 296 5.72 -12.97 27.77
N ALA A 297 4.59 -12.72 27.11
CA ALA A 297 3.27 -12.84 27.74
C ALA A 297 2.89 -14.29 28.07
N LEU A 298 3.59 -15.24 27.45
CA LEU A 298 3.36 -16.67 27.71
C LEU A 298 4.35 -17.27 28.71
N ARG A 299 5.25 -16.44 29.23
CA ARG A 299 6.27 -16.91 30.18
C ARG A 299 6.17 -16.18 31.52
N GLY A 300 5.05 -15.49 31.75
CA GLY A 300 4.80 -14.80 33.00
C GLY A 300 3.74 -15.52 33.84
N ASP A 301 2.90 -14.75 34.51
CA ASP A 301 1.83 -15.34 35.32
C ASP A 301 0.66 -15.83 34.47
N VAL A 302 -0.27 -16.53 35.09
CA VAL A 302 -1.43 -17.09 34.39
C VAL A 302 -2.37 -16.02 33.81
N PRO A 303 -2.70 -14.97 34.61
CA PRO A 303 -3.57 -13.92 34.06
C PRO A 303 -3.09 -13.34 32.72
N ALA A 304 -1.78 -13.16 32.58
CA ALA A 304 -1.20 -12.58 31.36
C ALA A 304 -1.20 -13.56 30.19
N ALA A 305 -1.04 -14.84 30.49
CA ALA A 305 -1.09 -15.87 29.45
C ALA A 305 -2.53 -16.09 28.99
N GLU A 306 -3.49 -15.97 29.92
CA GLU A 306 -4.93 -15.95 29.59
C GLU A 306 -5.28 -14.75 28.70
N ARG A 307 -4.68 -13.60 28.98
CA ARG A 307 -4.89 -12.39 28.16
C ARG A 307 -4.30 -12.57 26.76
N ALA A 308 -3.13 -13.21 26.67
CA ALA A 308 -2.51 -13.50 25.38
C ALA A 308 -3.34 -14.46 24.54
N VAL A 309 -3.92 -15.48 25.18
CA VAL A 309 -4.72 -16.49 24.48
C VAL A 309 -5.96 -15.87 23.82
N ASP A 310 -6.73 -15.11 24.60
CA ASP A 310 -7.96 -14.53 24.09
C ASP A 310 -7.73 -13.46 23.02
N GLU A 311 -6.60 -12.75 23.12
CA GLU A 311 -6.16 -11.86 22.05
C GLU A 311 -5.79 -12.63 20.76
N LEU A 312 -5.07 -13.74 20.90
CA LEU A 312 -4.76 -14.58 19.73
C LEU A 312 -6.01 -15.18 19.09
N ILE A 313 -6.97 -15.59 19.92
CA ILE A 313 -8.26 -16.09 19.44
C ILE A 313 -9.02 -15.04 18.61
N ARG A 314 -9.04 -13.80 19.09
CA ARG A 314 -9.70 -12.70 18.36
C ARG A 314 -8.98 -12.38 17.05
N TYR A 315 -7.67 -12.23 17.15
CA TYR A 315 -6.85 -11.81 16.03
C TYR A 315 -6.82 -12.83 14.89
N LEU A 316 -6.79 -14.12 15.23
CA LEU A 316 -6.67 -15.19 14.23
C LEU A 316 -8.02 -15.78 13.80
N THR A 317 -9.01 -15.75 14.67
CA THR A 317 -10.37 -16.10 14.31
C THR A 317 -10.51 -17.29 13.37
N VAL A 318 -10.12 -18.47 13.78
CA VAL A 318 -10.03 -19.62 12.88
C VAL A 318 -11.30 -20.05 12.16
N PRO A 319 -12.46 -20.01 12.78
CA PRO A 319 -13.66 -20.31 12.00
C PRO A 319 -14.01 -19.16 11.03
N TYR A 320 -14.31 -19.50 9.78
CA TYR A 320 -14.71 -18.51 8.79
C TYR A 320 -16.09 -17.92 9.11
N ALA A 321 -16.98 -18.77 9.66
CA ALA A 321 -18.36 -18.41 9.87
C ALA A 321 -19.03 -19.43 10.79
N PRO A 322 -20.07 -19.00 11.54
CA PRO A 322 -20.83 -19.98 12.28
C PRO A 322 -21.84 -20.62 11.33
N THR A 323 -22.72 -21.46 11.85
CA THR A 323 -23.79 -22.08 11.06
C THR A 323 -24.61 -21.01 10.36
N PRO A 324 -24.93 -21.22 9.07
CA PRO A 324 -25.81 -20.28 8.37
C PRO A 324 -27.14 -20.13 9.10
N ARG A 325 -27.69 -18.93 9.13
CA ARG A 325 -29.00 -18.70 9.74
C ARG A 325 -30.03 -18.54 8.63
N THR A 326 -31.20 -19.14 8.82
CA THR A 326 -32.32 -18.94 7.91
C THR A 326 -33.42 -18.17 8.65
N ALA A 327 -33.85 -17.05 8.06
CA ALA A 327 -34.91 -16.25 8.64
C ALA A 327 -36.22 -17.04 8.65
N ILE A 328 -36.83 -17.14 9.83
CA ILE A 328 -38.13 -17.80 9.99
C ILE A 328 -39.23 -16.80 9.65
N GLU A 329 -39.11 -15.60 10.22
CA GLU A 329 -39.96 -14.47 9.89
C GLU A 329 -39.10 -13.25 9.56
N ASP A 330 -39.72 -12.25 8.93
CA ASP A 330 -39.07 -10.98 8.61
C ASP A 330 -38.55 -10.28 9.87
N SER A 331 -37.32 -9.80 9.81
CA SER A 331 -36.76 -8.98 10.89
C SER A 331 -35.75 -7.97 10.36
N THR A 332 -35.65 -6.82 11.02
CA THR A 332 -34.66 -5.83 10.66
C THR A 332 -33.34 -6.13 11.36
N VAL A 333 -32.28 -6.25 10.57
CA VAL A 333 -30.93 -6.37 11.09
C VAL A 333 -30.11 -5.23 10.49
N GLY A 334 -29.57 -4.39 11.37
CA GLY A 334 -28.89 -3.17 10.96
C GLY A 334 -29.85 -2.21 10.27
N ASP A 335 -29.56 -1.94 9.00
CA ASP A 335 -30.35 -1.02 8.19
C ASP A 335 -31.39 -1.77 7.34
N GLN A 336 -31.18 -3.07 7.17
CA GLN A 336 -31.93 -3.86 6.17
C GLN A 336 -33.01 -4.81 6.71
N VAL A 337 -34.05 -5.01 5.91
CA VAL A 337 -35.05 -6.05 6.16
C VAL A 337 -34.54 -7.38 5.59
N ILE A 338 -34.50 -8.39 6.43
CA ILE A 338 -34.16 -9.75 6.02
C ILE A 338 -35.45 -10.56 5.91
N LYS A 339 -35.74 -11.05 4.71
CA LYS A 339 -37.02 -11.69 4.43
C LYS A 339 -37.03 -13.17 4.80
N ALA A 340 -38.19 -13.64 5.26
CA ALA A 340 -38.39 -15.05 5.58
C ALA A 340 -37.90 -15.97 4.46
N GLY A 341 -37.11 -16.97 4.83
CA GLY A 341 -36.56 -17.91 3.86
C GLY A 341 -35.19 -17.52 3.35
N GLU A 342 -34.77 -16.29 3.60
CA GLU A 342 -33.45 -15.81 3.19
C GLU A 342 -32.38 -16.21 4.21
N THR A 343 -31.17 -16.44 3.74
CA THR A 343 -30.11 -16.89 4.62
C THR A 343 -29.11 -15.79 4.98
N VAL A 344 -28.49 -15.92 6.14
CA VAL A 344 -27.46 -14.98 6.60
C VAL A 344 -26.22 -15.76 7.02
N LEU A 345 -25.08 -15.27 6.58
CA LEU A 345 -23.78 -15.83 6.87
C LEU A 345 -22.90 -14.76 7.50
N CYS A 346 -22.41 -15.03 8.70
CA CYS A 346 -21.63 -14.06 9.47
C CYS A 346 -20.13 -14.28 9.33
N SER A 347 -19.43 -13.30 8.77
CA SER A 347 -17.98 -13.38 8.74
C SER A 347 -17.42 -13.01 10.10
N LEU A 348 -17.05 -14.03 10.87
CA LEU A 348 -16.48 -13.81 12.20
C LEU A 348 -15.12 -13.09 12.20
N PRO A 349 -14.21 -13.42 11.25
CA PRO A 349 -12.92 -12.73 11.21
C PRO A 349 -13.05 -11.23 10.96
N THR A 350 -13.90 -10.82 10.01
CA THR A 350 -14.08 -9.39 9.73
C THR A 350 -14.72 -8.67 10.92
N ALA A 351 -15.70 -9.32 11.55
CA ALA A 351 -16.39 -8.76 12.71
C ALA A 351 -15.41 -8.50 13.86
N ASN A 352 -14.38 -9.35 13.95
CA ASN A 352 -13.35 -9.23 14.99
C ASN A 352 -12.26 -8.25 14.60
N ARG A 353 -12.44 -7.61 13.45
CA ARG A 353 -11.57 -6.50 13.02
C ARG A 353 -12.32 -5.16 12.99
N ASP A 354 -13.59 -5.18 13.38
CA ASP A 354 -14.42 -3.98 13.43
C ASP A 354 -13.83 -2.95 14.40
N PRO A 355 -13.67 -1.69 13.95
CA PRO A 355 -13.20 -0.59 14.79
C PRO A 355 -14.12 -0.30 15.99
N ALA A 356 -15.38 -0.71 15.89
CA ALA A 356 -16.34 -0.52 16.98
C ALA A 356 -16.11 -1.52 18.13
N LEU A 357 -15.41 -2.62 17.83
CA LEU A 357 -15.02 -3.57 18.85
C LEU A 357 -13.78 -3.07 19.61
N LEU A 358 -12.75 -2.67 18.85
CA LEU A 358 -11.51 -2.16 19.44
C LEU A 358 -10.72 -1.27 18.47
N PRO A 359 -9.97 -0.29 18.99
CA PRO A 359 -9.05 0.49 18.17
C PRO A 359 -7.79 -0.33 17.89
N ASP A 360 -7.02 0.08 16.87
CA ASP A 360 -5.84 -0.66 16.40
C ASP A 360 -6.14 -2.17 16.26
N ALA A 361 -7.25 -2.49 15.60
CA ALA A 361 -7.78 -3.85 15.56
C ALA A 361 -7.04 -4.80 14.61
N ASP A 362 -6.31 -4.25 13.64
CA ASP A 362 -5.51 -5.08 12.72
C ASP A 362 -4.13 -5.37 13.29
N ARG A 363 -3.91 -4.99 14.54
CA ARG A 363 -2.65 -5.27 15.24
C ARG A 363 -2.83 -6.39 16.26
N LEU A 364 -1.78 -7.20 16.43
CA LEU A 364 -1.71 -8.14 17.53
C LEU A 364 -1.07 -7.47 18.73
N ASP A 365 -1.76 -7.50 19.87
CA ASP A 365 -1.25 -6.95 21.12
C ASP A 365 -1.76 -7.81 22.28
N VAL A 366 -0.91 -8.73 22.72
CA VAL A 366 -1.24 -9.73 23.74
C VAL A 366 -1.52 -9.14 25.13
N THR A 367 -1.05 -7.91 25.37
CA THR A 367 -1.13 -7.30 26.69
C THR A 367 -2.50 -6.71 27.02
N ARG A 368 -3.39 -6.65 26.05
CA ARG A 368 -4.64 -5.90 26.26
C ARG A 368 -5.76 -6.70 26.89
N GLU A 369 -6.70 -5.96 27.49
CA GLU A 369 -7.88 -6.53 28.12
C GLU A 369 -8.71 -7.26 27.07
N ALA A 370 -9.38 -8.32 27.49
CA ALA A 370 -10.30 -9.05 26.64
C ALA A 370 -11.45 -8.16 26.18
N VAL A 371 -11.86 -8.33 24.93
CA VAL A 371 -13.01 -7.61 24.36
C VAL A 371 -14.10 -8.62 23.95
N PRO A 372 -15.37 -8.16 23.86
CA PRO A 372 -16.46 -9.10 23.52
C PRO A 372 -16.49 -9.54 22.04
N HIS A 373 -15.44 -10.25 21.62
CA HIS A 373 -15.33 -10.73 20.24
C HIS A 373 -16.28 -11.89 19.97
N VAL A 374 -16.47 -12.21 18.69
CA VAL A 374 -17.42 -13.23 18.30
C VAL A 374 -16.75 -14.50 17.74
N ALA A 375 -15.48 -14.69 18.07
CA ALA A 375 -14.75 -15.90 17.62
C ALA A 375 -15.42 -17.19 18.10
N PHE A 376 -15.94 -17.16 19.31
CA PHE A 376 -16.73 -18.26 19.85
C PHE A 376 -18.22 -18.12 19.54
N GLY A 377 -18.58 -17.12 18.72
CA GLY A 377 -19.98 -16.80 18.48
C GLY A 377 -20.59 -16.01 19.62
N HIS A 378 -21.92 -16.09 19.72
CA HIS A 378 -22.70 -15.20 20.58
C HIS A 378 -24.14 -15.71 20.63
N GLY A 379 -24.75 -15.66 21.81
CA GLY A 379 -26.11 -16.12 21.99
C GLY A 379 -26.16 -17.53 22.56
N VAL A 380 -27.25 -18.24 22.29
CA VAL A 380 -27.45 -19.54 22.90
C VAL A 380 -26.51 -20.63 22.36
N HIS A 381 -26.04 -20.47 21.12
CA HIS A 381 -25.07 -21.41 20.53
C HIS A 381 -23.60 -21.07 20.87
N HIS A 382 -23.38 -19.99 21.62
CA HIS A 382 -22.01 -19.60 22.04
C HIS A 382 -21.17 -20.83 22.41
N CYS A 383 -20.00 -20.96 21.81
CA CYS A 383 -19.19 -22.19 21.90
C CYS A 383 -19.24 -22.83 23.27
N LEU A 384 -19.74 -24.06 23.32
CA LEU A 384 -19.87 -24.82 24.55
C LEU A 384 -18.49 -25.16 25.15
N GLY A 385 -17.50 -25.34 24.30
CA GLY A 385 -16.14 -25.65 24.76
C GLY A 385 -15.20 -24.46 24.95
N ALA A 386 -15.77 -23.26 25.05
CA ALA A 386 -14.98 -22.02 25.13
C ALA A 386 -13.87 -22.09 26.18
N ALA A 387 -14.23 -22.46 27.40
CA ALA A 387 -13.27 -22.50 28.51
C ALA A 387 -12.20 -23.56 28.28
N LEU A 388 -12.60 -24.72 27.76
CA LEU A 388 -11.68 -25.80 27.45
C LEU A 388 -10.68 -25.37 26.39
N ALA A 389 -11.18 -24.74 25.33
CA ALA A 389 -10.33 -24.20 24.27
C ALA A 389 -9.31 -23.23 24.86
N ARG A 390 -9.78 -22.28 25.66
CA ARG A 390 -8.91 -21.31 26.31
C ARG A 390 -7.82 -21.98 27.16
N LEU A 391 -8.19 -23.02 27.90
CA LEU A 391 -7.28 -23.74 28.77
C LEU A 391 -6.27 -24.58 28.00
N GLU A 392 -6.79 -25.41 27.09
CA GLU A 392 -6.00 -26.23 26.20
C GLU A 392 -4.89 -25.40 25.55
N LEU A 393 -5.29 -24.30 24.92
CA LEU A 393 -4.36 -23.42 24.22
C LEU A 393 -3.33 -22.77 25.14
N ARG A 394 -3.75 -22.34 26.33
CA ARG A 394 -2.85 -21.71 27.28
C ARG A 394 -1.78 -22.69 27.71
N ILE A 395 -2.20 -23.93 28.00
CA ILE A 395 -1.29 -24.98 28.43
C ILE A 395 -0.27 -25.29 27.33
N ALA A 396 -0.75 -25.45 26.09
CA ALA A 396 0.10 -25.77 24.94
C ALA A 396 1.12 -24.69 24.63
N TYR A 397 0.68 -23.44 24.52
CA TYR A 397 1.61 -22.33 24.28
C TYR A 397 2.66 -22.22 25.37
N THR A 398 2.22 -22.16 26.62
CA THR A 398 3.12 -22.04 27.76
C THR A 398 4.16 -23.15 27.79
N ALA A 399 3.71 -24.38 27.63
CA ALA A 399 4.60 -25.55 27.65
C ALA A 399 5.60 -25.58 26.49
N LEU A 400 5.16 -25.21 25.29
CA LEU A 400 6.04 -25.20 24.13
C LEU A 400 7.30 -24.36 24.37
N TRP A 401 7.13 -23.14 24.84
CA TRP A 401 8.26 -22.24 25.10
C TRP A 401 9.03 -22.57 26.38
N ARG A 402 8.40 -23.32 27.28
CA ARG A 402 9.09 -23.83 28.47
C ARG A 402 10.09 -24.90 28.07
N ARG A 403 9.66 -25.80 27.18
CA ARG A 403 10.51 -26.84 26.63
C ARG A 403 11.55 -26.29 25.63
N PHE A 404 11.14 -25.34 24.80
CA PHE A 404 12.05 -24.74 23.80
C PHE A 404 12.11 -23.21 23.90
N PRO A 405 12.92 -22.67 24.83
CA PRO A 405 12.98 -21.24 25.05
C PRO A 405 13.42 -20.46 23.80
N ASP A 406 14.34 -21.04 23.03
CA ASP A 406 14.91 -20.40 21.84
C ASP A 406 14.34 -20.99 20.55
N LEU A 407 13.08 -21.42 20.62
CA LEU A 407 12.35 -21.92 19.45
C LEU A 407 12.34 -20.91 18.31
N ARG A 408 12.66 -21.38 17.10
CA ARG A 408 12.71 -20.53 15.90
C ARG A 408 12.00 -21.18 14.71
N LEU A 409 11.68 -20.38 13.71
CA LEU A 409 11.27 -20.89 12.40
C LEU A 409 12.48 -21.46 11.68
N ALA A 410 12.29 -22.63 11.07
CA ALA A 410 13.36 -23.28 10.30
C ALA A 410 13.70 -22.49 9.04
N ASP A 411 12.66 -22.01 8.34
CA ASP A 411 12.83 -21.14 7.18
C ASP A 411 11.83 -19.97 7.21
N PRO A 412 12.22 -18.85 7.84
CA PRO A 412 11.34 -17.69 7.98
C PRO A 412 11.07 -16.98 6.65
N ASP A 413 11.99 -17.14 5.69
CA ASP A 413 11.88 -16.48 4.40
C ASP A 413 11.17 -17.34 3.35
N GLY A 414 10.70 -18.53 3.75
CA GLY A 414 9.99 -19.42 2.86
C GLY A 414 8.49 -19.17 2.85
N ALA A 415 7.79 -19.81 1.90
CA ALA A 415 6.33 -19.71 1.82
C ALA A 415 5.66 -20.44 2.98
N THR A 416 4.53 -19.93 3.41
CA THR A 416 3.75 -20.53 4.47
C THR A 416 2.63 -21.37 3.88
N GLU A 417 2.58 -22.65 4.27
CA GLU A 417 1.52 -23.54 3.84
C GLU A 417 0.30 -23.42 4.74
N PHE A 418 -0.64 -22.58 4.32
CA PHE A 418 -1.88 -22.40 5.06
C PHE A 418 -2.83 -23.55 4.78
N ARG A 419 -3.64 -23.87 5.79
CA ARG A 419 -4.68 -24.89 5.65
C ARG A 419 -5.93 -24.30 5.00
N LEU A 420 -6.20 -24.74 3.77
CA LEU A 420 -7.26 -24.18 2.95
C LEU A 420 -8.37 -25.18 2.64
N SER A 421 -9.57 -24.67 2.42
CA SER A 421 -10.75 -25.47 2.03
C SER A 421 -11.22 -26.40 3.15
N THR A 422 -11.03 -25.99 4.40
CA THR A 422 -11.53 -26.72 5.56
C THR A 422 -12.51 -25.82 6.32
N PRO A 423 -13.18 -26.34 7.35
CA PRO A 423 -14.08 -25.43 8.07
C PRO A 423 -13.36 -24.49 9.04
N ALA A 424 -12.03 -24.63 9.15
CA ALA A 424 -11.26 -23.79 10.05
C ALA A 424 -9.93 -23.42 9.43
N TYR A 425 -9.61 -22.14 9.41
CA TYR A 425 -8.30 -21.68 8.96
C TYR A 425 -7.21 -22.30 9.83
N GLY A 426 -6.03 -22.45 9.25
CA GLY A 426 -4.87 -22.96 9.98
C GLY A 426 -3.63 -23.06 9.12
N ILE A 427 -2.67 -23.82 9.64
CA ILE A 427 -1.40 -24.08 8.98
C ILE A 427 -1.23 -25.59 8.85
N SER A 428 -0.85 -26.04 7.65
CA SER A 428 -0.76 -27.46 7.38
C SER A 428 0.64 -28.04 7.62
N ARG A 429 1.66 -27.19 7.54
CA ARG A 429 3.04 -27.57 7.85
C ARG A 429 3.82 -26.37 8.38
N LEU A 430 4.54 -26.55 9.49
CA LEU A 430 5.36 -25.47 10.06
C LEU A 430 6.66 -26.00 10.69
N MET A 431 7.75 -25.88 9.93
CA MET A 431 9.06 -26.39 10.34
C MET A 431 9.71 -25.45 11.36
N VAL A 432 10.20 -26.04 12.45
CA VAL A 432 10.81 -25.28 13.55
C VAL A 432 12.11 -25.90 14.06
N THR A 433 12.98 -25.04 14.62
CA THR A 433 14.22 -25.46 15.26
C THR A 433 14.27 -24.94 16.70
N TRP A 434 15.25 -25.42 17.47
CA TRP A 434 15.43 -25.02 18.88
C TRP A 434 16.85 -25.30 19.37
N ARG B 42 23.68 -19.44 -21.81
CA ARG B 42 23.52 -19.97 -20.42
C ARG B 42 23.13 -18.89 -19.39
N PRO B 43 23.92 -17.78 -19.28
CA PRO B 43 23.50 -16.71 -18.37
C PRO B 43 22.39 -15.83 -18.96
N PRO B 44 21.49 -15.30 -18.10
CA PRO B 44 20.38 -14.43 -18.50
C PRO B 44 20.84 -13.22 -19.33
N ILE B 45 20.18 -13.01 -20.46
CA ILE B 45 20.55 -11.99 -21.45
C ILE B 45 20.72 -10.58 -20.86
N HIS B 46 19.84 -10.20 -19.94
CA HIS B 46 19.89 -8.88 -19.33
C HIS B 46 21.09 -8.64 -18.40
N THR B 47 21.84 -9.68 -18.09
CA THR B 47 23.01 -9.54 -17.21
C THR B 47 24.33 -9.50 -17.98
N LEU B 48 24.27 -9.36 -19.30
CA LEU B 48 25.46 -9.49 -20.14
C LEU B 48 26.12 -8.16 -20.47
N ARG B 49 27.43 -8.06 -20.20
CA ARG B 49 28.19 -6.84 -20.49
C ARG B 49 29.43 -7.11 -21.35
N GLN B 50 29.85 -6.08 -22.09
CA GLN B 50 31.12 -6.07 -22.79
C GLN B 50 31.91 -4.88 -22.29
N GLY B 51 32.89 -5.13 -21.42
CA GLY B 51 33.61 -4.06 -20.76
C GLY B 51 32.64 -3.24 -19.92
N PHE B 52 32.53 -1.95 -20.23
CA PHE B 52 31.62 -1.07 -19.53
C PHE B 52 30.23 -1.06 -20.19
N ASP B 53 30.09 -1.74 -21.32
CA ASP B 53 28.90 -1.63 -22.17
C ASP B 53 27.88 -2.75 -21.98
N PRO B 54 26.59 -2.48 -22.29
CA PRO B 54 25.64 -3.59 -22.48
C PRO B 54 26.15 -4.45 -23.64
N ALA B 55 26.15 -5.78 -23.46
CA ALA B 55 26.68 -6.68 -24.48
C ALA B 55 25.90 -6.59 -25.77
N ASP B 56 26.59 -6.86 -26.89
CA ASP B 56 25.97 -6.78 -28.21
C ASP B 56 24.68 -7.58 -28.32
N GLU B 57 24.71 -8.84 -27.87
CA GLU B 57 23.52 -9.70 -27.96
C GLU B 57 22.30 -9.13 -27.21
N LEU B 58 22.54 -8.46 -26.09
CA LEU B 58 21.49 -7.78 -25.33
C LEU B 58 20.99 -6.55 -26.08
N ARG B 59 21.95 -5.80 -26.58
CA ARG B 59 21.73 -4.61 -27.36
C ARG B 59 20.99 -4.93 -28.67
N ALA B 60 21.22 -6.14 -29.20
CA ALA B 60 20.60 -6.58 -30.46
C ALA B 60 19.16 -7.11 -30.29
N ALA B 61 18.69 -7.22 -29.05
CA ALA B 61 17.30 -7.57 -28.81
C ALA B 61 16.39 -6.41 -29.27
N GLY B 62 15.09 -6.64 -29.31
CA GLY B 62 14.17 -5.55 -29.65
C GLY B 62 14.10 -4.45 -28.60
N GLU B 63 13.50 -3.33 -29.01
CA GLU B 63 13.05 -2.29 -28.08
C GLU B 63 12.21 -2.93 -26.97
N LEU B 64 11.31 -3.82 -27.38
CA LEU B 64 10.48 -4.59 -26.47
C LEU B 64 10.12 -5.91 -27.16
N THR B 65 10.69 -6.99 -26.66
CA THR B 65 10.40 -8.33 -27.17
C THR B 65 10.27 -9.33 -26.04
N ARG B 66 9.77 -10.53 -26.36
CA ARG B 66 9.65 -11.59 -25.38
C ARG B 66 10.84 -12.53 -25.52
N VAL B 67 11.59 -12.68 -24.43
CA VAL B 67 12.74 -13.59 -24.39
C VAL B 67 12.51 -14.71 -23.37
N ARG B 68 13.47 -15.63 -23.27
CA ARG B 68 13.37 -16.74 -22.35
C ARG B 68 14.52 -16.80 -21.33
N LEU B 69 14.19 -17.17 -20.10
CA LEU B 69 15.20 -17.39 -19.06
C LEU B 69 15.70 -18.85 -19.09
N GLY B 70 16.62 -19.11 -20.03
CA GLY B 70 17.21 -20.44 -20.27
C GLY B 70 16.21 -21.59 -20.31
N GLU B 76 10.09 -19.98 -16.80
CA GLU B 76 9.13 -18.94 -17.16
C GLU B 76 9.70 -18.05 -18.27
N HIS B 77 8.80 -17.49 -19.07
CA HIS B 77 9.16 -16.55 -20.13
C HIS B 77 8.88 -15.13 -19.66
N THR B 78 9.56 -14.14 -20.23
CA THR B 78 9.41 -12.77 -19.79
C THR B 78 9.55 -11.75 -20.93
N TRP B 79 9.04 -10.54 -20.71
CA TRP B 79 9.24 -9.42 -21.62
C TRP B 79 10.54 -8.72 -21.27
N LEU B 80 11.30 -8.33 -22.29
CA LEU B 80 12.50 -7.52 -22.06
C LEU B 80 12.36 -6.13 -22.68
N ALA B 81 12.30 -5.12 -21.83
CA ALA B 81 12.20 -3.74 -22.26
C ALA B 81 13.59 -3.10 -22.27
N THR B 82 14.02 -2.61 -23.44
CA THR B 82 15.38 -2.07 -23.60
C THR B 82 15.46 -0.59 -23.94
N GLY B 83 14.43 -0.06 -24.61
CA GLY B 83 14.37 1.36 -24.95
C GLY B 83 14.04 2.27 -23.77
N HIS B 84 14.46 3.52 -23.86
CA HIS B 84 14.22 4.50 -22.80
C HIS B 84 12.74 4.82 -22.57
N ASP B 85 12.02 5.04 -23.68
CA ASP B 85 10.59 5.35 -23.64
C ASP B 85 9.78 4.24 -22.98
N VAL B 86 10.05 2.99 -23.35
CA VAL B 86 9.25 1.87 -22.85
C VAL B 86 9.49 1.55 -21.37
N VAL B 87 10.73 1.70 -20.92
CA VAL B 87 11.11 1.48 -19.52
C VAL B 87 10.44 2.49 -18.60
N ARG B 88 10.41 3.75 -19.04
CA ARG B 88 9.67 4.80 -18.34
C ARG B 88 8.18 4.48 -18.25
N GLN B 89 7.61 3.94 -19.33
CA GLN B 89 6.19 3.53 -19.35
C GLN B 89 5.90 2.39 -18.40
N VAL B 90 6.86 1.46 -18.25
CA VAL B 90 6.66 0.33 -17.37
C VAL B 90 6.82 0.72 -15.89
N LEU B 91 7.91 1.41 -15.57
CA LEU B 91 8.22 1.78 -14.19
C LEU B 91 7.28 2.85 -13.67
N GLY B 92 6.80 3.71 -14.56
CA GLY B 92 5.90 4.81 -14.20
C GLY B 92 4.44 4.38 -14.02
N ASP B 93 4.18 3.10 -14.30
CA ASP B 93 2.85 2.54 -14.12
C ASP B 93 2.83 1.69 -12.86
N HIS B 94 2.41 2.30 -11.74
CA HIS B 94 2.41 1.62 -10.45
C HIS B 94 1.02 1.07 -10.10
N THR B 95 0.20 0.86 -11.12
CA THR B 95 -1.20 0.52 -10.90
C THR B 95 -1.64 -0.71 -11.70
N ARG B 96 -0.92 -1.01 -12.78
CA ARG B 96 -1.22 -2.19 -13.60
C ARG B 96 -0.06 -3.21 -13.60
N PHE B 97 1.02 -2.86 -12.88
CA PHE B 97 2.17 -3.73 -12.69
C PHE B 97 2.46 -3.87 -11.20
N SER B 98 2.84 -5.07 -10.78
CA SER B 98 3.20 -5.34 -9.39
C SER B 98 4.66 -5.73 -9.27
N THR B 99 5.27 -5.36 -8.14
CA THR B 99 6.68 -5.70 -7.86
C THR B 99 6.78 -6.69 -6.72
N ARG B 100 5.63 -7.06 -6.16
CA ARG B 100 5.61 -8.00 -5.05
C ARG B 100 5.97 -9.39 -5.54
N ARG B 101 7.01 -9.97 -4.94
CA ARG B 101 7.47 -11.30 -5.28
C ARG B 101 6.47 -12.35 -4.82
N ARG B 102 6.28 -13.37 -5.66
CA ARG B 102 5.42 -14.50 -5.33
C ARG B 102 6.14 -15.83 -5.56
N PHE B 103 5.55 -16.92 -5.07
CA PHE B 103 6.17 -18.24 -5.11
C PHE B 103 5.70 -19.09 -6.29
N ASP B 104 4.41 -18.97 -6.64
CA ASP B 104 3.83 -19.73 -7.74
C ASP B 104 2.72 -18.96 -8.45
N ARG B 105 2.45 -19.32 -9.71
CA ARG B 105 1.41 -18.66 -10.51
C ARG B 105 0.03 -19.19 -10.16
N GLU B 108 -2.38 -14.62 -6.50
CA GLU B 108 -2.62 -13.19 -6.59
C GLU B 108 -1.39 -12.45 -7.10
N ILE B 109 -1.60 -11.49 -8.00
CA ILE B 109 -0.51 -10.74 -8.62
C ILE B 109 -0.12 -9.50 -7.79
N GLY B 110 -1.04 -8.54 -7.70
CA GLY B 110 -0.81 -7.33 -6.90
C GLY B 110 -1.63 -7.36 -5.63
N GLY B 111 -2.29 -6.24 -5.33
CA GLY B 111 -3.26 -6.20 -4.23
C GLY B 111 -2.81 -5.61 -2.91
N LYS B 112 -3.76 -5.58 -1.96
CA LYS B 112 -3.60 -4.91 -0.68
C LYS B 112 -3.59 -5.90 0.47
N GLY B 113 -2.59 -5.77 1.34
CA GLY B 113 -2.48 -6.57 2.57
C GLY B 113 -2.02 -8.01 2.39
N VAL B 114 -1.21 -8.25 1.37
CA VAL B 114 -0.76 -9.62 1.06
C VAL B 114 0.38 -10.03 2.01
N PHE B 115 0.33 -11.29 2.42
CA PHE B 115 1.28 -11.87 3.36
C PHE B 115 2.68 -12.01 2.78
N ARG B 116 3.67 -11.57 3.56
CA ARG B 116 5.06 -11.62 3.12
C ARG B 116 5.93 -12.49 4.02
N PRO B 117 6.97 -13.12 3.44
CA PRO B 117 8.03 -13.75 4.25
C PRO B 117 8.76 -12.69 5.08
N ARG B 118 9.21 -13.08 6.27
CA ARG B 118 9.92 -12.19 7.20
C ARG B 118 10.98 -11.32 6.51
N GLU B 119 11.74 -11.93 5.59
CA GLU B 119 12.77 -11.23 4.81
C GLU B 119 12.25 -9.99 4.09
N LEU B 120 11.11 -10.12 3.43
CA LEU B 120 10.60 -9.08 2.54
C LEU B 120 9.79 -7.97 3.22
N VAL B 121 9.50 -8.14 4.52
CA VAL B 121 8.88 -7.08 5.32
C VAL B 121 9.88 -5.92 5.43
N GLY B 122 9.40 -4.70 5.15
CA GLY B 122 10.26 -3.53 5.16
C GLY B 122 11.07 -3.36 3.89
N ASN B 123 10.86 -4.26 2.93
CA ASN B 123 11.49 -4.15 1.61
C ASN B 123 10.61 -3.30 0.69
N LEU B 124 10.94 -2.02 0.63
CA LEU B 124 10.17 -1.03 -0.14
C LEU B 124 9.95 -1.46 -1.59
N MET B 125 10.95 -2.11 -2.18
CA MET B 125 10.87 -2.59 -3.55
C MET B 125 9.82 -3.67 -3.77
N ASP B 126 9.50 -4.43 -2.72
CA ASP B 126 8.51 -5.51 -2.79
C ASP B 126 7.06 -5.05 -2.55
N TYR B 127 6.87 -3.77 -2.27
CA TYR B 127 5.53 -3.25 -1.95
C TYR B 127 4.86 -2.59 -3.14
N ASP B 128 3.55 -2.79 -3.26
CA ASP B 128 2.72 -2.04 -4.20
C ASP B 128 1.93 -0.99 -3.43
N PRO B 129 1.61 0.16 -4.06
CA PRO B 129 0.64 1.08 -3.46
C PRO B 129 -0.65 0.33 -3.18
N PRO B 130 -1.35 0.65 -2.07
CA PRO B 130 -1.08 1.70 -1.09
C PRO B 130 -0.03 1.39 -0.01
N GLU B 131 0.38 0.13 0.12
CA GLU B 131 1.36 -0.24 1.15
C GLU B 131 2.70 0.43 0.92
N HIS B 132 3.15 0.43 -0.33
CA HIS B 132 4.37 1.13 -0.70
C HIS B 132 4.32 2.60 -0.32
N THR B 133 3.19 3.24 -0.61
CA THR B 133 2.96 4.65 -0.29
C THR B 133 3.12 4.94 1.20
N ARG B 134 2.61 4.05 2.06
CA ARG B 134 2.74 4.22 3.51
C ARG B 134 4.21 4.18 3.94
N LEU B 135 4.86 3.06 3.64
CA LEU B 135 6.25 2.86 4.04
C LEU B 135 7.16 3.94 3.46
N ARG B 136 6.92 4.33 2.21
CA ARG B 136 7.70 5.39 1.54
C ARG B 136 7.50 6.73 2.25
N ARG B 137 6.26 6.99 2.70
CA ARG B 137 5.96 8.19 3.49
C ARG B 137 6.69 8.15 4.84
N LEU B 138 6.77 6.97 5.43
CA LEU B 138 7.48 6.81 6.69
C LEU B 138 8.97 7.06 6.58
N LEU B 139 9.57 6.56 5.51
CA LEU B 139 11.03 6.60 5.36
C LEU B 139 11.59 7.89 4.76
N ALA B 140 10.81 8.54 3.91
CA ALA B 140 11.28 9.71 3.14
C ALA B 140 11.92 10.85 3.95
N PRO B 141 11.34 11.23 5.11
CA PRO B 141 11.93 12.33 5.91
C PRO B 141 13.37 12.07 6.33
N GLY B 142 13.78 10.81 6.35
CA GLY B 142 15.16 10.44 6.64
C GLY B 142 16.10 10.73 5.48
N PHE B 143 15.54 11.18 4.36
CA PHE B 143 16.31 11.35 3.15
C PHE B 143 16.18 12.76 2.57
N THR B 144 15.72 13.72 3.38
CA THR B 144 15.59 15.11 2.89
C THR B 144 16.95 15.68 2.51
N HIS B 145 16.95 16.83 1.84
CA HIS B 145 18.19 17.48 1.44
C HIS B 145 19.06 17.86 2.64
N ARG B 146 18.43 18.39 3.69
CA ARG B 146 19.14 18.73 4.92
C ARG B 146 19.83 17.52 5.57
N LYS B 147 19.09 16.43 5.77
CA LYS B 147 19.64 15.23 6.39
C LYS B 147 20.89 14.70 5.69
N ILE B 148 20.88 14.75 4.36
CA ILE B 148 21.99 14.24 3.55
C ILE B 148 23.13 15.25 3.48
N ARG B 149 22.80 16.52 3.34
CA ARG B 149 23.77 17.60 3.46
C ARG B 149 24.66 17.36 4.70
N ARG B 150 24.02 17.14 5.84
CA ARG B 150 24.70 17.04 7.15
C ARG B 150 25.62 15.82 7.27
N MET B 151 25.39 14.82 6.43
CA MET B 151 26.20 13.61 6.43
C MET B 151 27.56 13.76 5.75
N ALA B 152 27.75 14.82 4.96
CA ALA B 152 28.99 15.04 4.22
C ALA B 152 30.28 14.96 5.09
N PRO B 153 30.34 15.68 6.23
CA PRO B 153 31.55 15.56 7.05
C PRO B 153 31.91 14.12 7.43
N TYR B 154 30.90 13.31 7.79
CA TYR B 154 31.13 11.89 8.09
C TYR B 154 31.53 11.03 6.89
N ILE B 155 30.92 11.24 5.73
CA ILE B 155 31.36 10.56 4.51
C ILE B 155 32.85 10.87 4.29
N GLU B 156 33.24 12.13 4.44
CA GLU B 156 34.64 12.56 4.28
C GLU B 156 35.58 11.77 5.18
N GLN B 157 35.20 11.61 6.44
CA GLN B 157 36.03 10.92 7.42
C GLN B 157 36.17 9.44 7.06
N ILE B 158 35.06 8.82 6.67
CA ILE B 158 35.08 7.41 6.28
C ILE B 158 36.05 7.20 5.14
N VAL B 159 35.92 8.03 4.10
CA VAL B 159 36.72 7.92 2.89
C VAL B 159 38.22 8.11 3.19
N THR B 160 38.52 9.09 4.03
CA THR B 160 39.90 9.39 4.43
C THR B 160 40.52 8.26 5.27
N GLU B 161 39.73 7.67 6.16
CA GLU B 161 40.18 6.52 6.96
C GLU B 161 40.55 5.35 6.07
N ARG B 162 39.75 5.15 5.03
CA ARG B 162 39.95 4.07 4.07
C ARG B 162 41.12 4.28 3.12
N LEU B 163 41.36 5.53 2.73
CA LEU B 163 42.53 5.87 1.92
C LEU B 163 43.81 5.59 2.71
N ASP B 164 43.76 5.87 4.01
CA ASP B 164 44.87 5.58 4.92
C ASP B 164 45.13 4.07 5.08
N GLU B 165 44.06 3.28 5.19
CA GLU B 165 44.16 1.83 5.37
C GLU B 165 44.73 1.19 4.11
N MET B 166 44.36 1.74 2.96
CA MET B 166 44.84 1.28 1.66
C MET B 166 46.34 1.48 1.53
N GLU B 167 46.84 2.63 1.98
CA GLU B 167 48.27 2.90 1.93
C GLU B 167 49.05 1.98 2.88
N ARG B 168 48.47 1.70 4.04
CA ARG B 168 49.12 0.86 5.04
C ARG B 168 49.21 -0.60 4.61
N GLU B 169 48.31 -1.02 3.72
CA GLU B 169 48.41 -2.34 3.11
C GLU B 169 49.63 -2.38 2.20
N GLY B 170 49.90 -1.25 1.54
CA GLY B 170 51.09 -1.09 0.72
C GLY B 170 50.81 -1.39 -0.73
N SER B 171 51.59 -0.80 -1.63
CA SER B 171 51.36 -0.98 -3.06
C SER B 171 52.15 -2.17 -3.63
N PRO B 172 51.60 -2.84 -4.66
CA PRO B 172 50.25 -2.59 -5.18
C PRO B 172 49.13 -2.97 -4.20
N ALA B 173 48.06 -2.17 -4.21
CA ALA B 173 46.93 -2.38 -3.31
C ALA B 173 45.67 -2.71 -4.09
N ASP B 174 44.86 -3.62 -3.56
CA ASP B 174 43.56 -3.94 -4.17
C ASP B 174 42.54 -2.90 -3.73
N LEU B 175 42.20 -2.01 -4.67
CA LEU B 175 41.29 -0.90 -4.42
C LEU B 175 39.88 -1.37 -4.05
N ILE B 176 39.49 -2.54 -4.56
CA ILE B 176 38.16 -3.06 -4.25
C ILE B 176 38.05 -3.49 -2.80
N GLU B 177 38.90 -4.42 -2.39
CA GLU B 177 38.91 -4.96 -1.03
C GLU B 177 39.05 -3.87 0.03
N LEU B 178 39.93 -2.91 -0.22
CA LEU B 178 40.30 -1.91 0.78
C LEU B 178 39.58 -0.58 0.75
N PHE B 179 38.95 -0.27 -0.38
CA PHE B 179 38.29 1.04 -0.56
C PHE B 179 36.85 0.91 -1.06
N ALA B 180 36.67 0.31 -2.23
CA ALA B 180 35.33 0.18 -2.84
C ALA B 180 34.32 -0.54 -1.94
N ASP B 181 34.70 -1.70 -1.39
CA ASP B 181 33.78 -2.50 -0.57
C ASP B 181 33.71 -2.01 0.88
N GLU B 182 34.57 -1.06 1.24
CA GLU B 182 34.62 -0.59 2.63
C GLU B 182 34.03 0.82 2.84
N VAL B 183 33.69 1.53 1.77
CA VAL B 183 33.13 2.87 1.90
C VAL B 183 31.60 2.89 2.16
N PRO B 184 30.81 2.13 1.37
CA PRO B 184 29.35 2.18 1.51
C PRO B 184 28.79 1.77 2.87
N GLY B 185 29.30 0.68 3.43
CA GLY B 185 28.82 0.14 4.70
C GLY B 185 28.68 1.15 5.82
N PRO B 186 29.79 1.78 6.23
CA PRO B 186 29.70 2.74 7.34
C PRO B 186 28.76 3.90 7.05
N VAL B 187 28.68 4.31 5.78
CA VAL B 187 27.76 5.37 5.38
C VAL B 187 26.31 4.97 5.65
N LEU B 188 25.97 3.73 5.31
CA LEU B 188 24.67 3.15 5.61
C LEU B 188 24.40 3.08 7.13
N CYS B 189 25.41 2.71 7.91
CA CYS B 189 25.29 2.69 9.37
C CYS B 189 24.90 4.05 9.96
N GLU B 190 25.46 5.12 9.40
CA GLU B 190 25.19 6.48 9.81
C GLU B 190 23.77 6.90 9.41
N LEU B 191 23.36 6.47 8.22
CA LEU B 191 22.01 6.67 7.75
C LEU B 191 20.98 6.06 8.72
N LEU B 192 21.23 4.82 9.12
CA LEU B 192 20.31 4.06 9.97
C LEU B 192 20.32 4.50 11.42
N GLY B 193 21.50 4.89 11.91
CA GLY B 193 21.68 5.26 13.32
C GLY B 193 22.42 4.23 14.15
N VAL B 194 23.10 3.28 13.49
CA VAL B 194 23.96 2.33 14.18
C VAL B 194 25.03 3.13 14.93
N PRO B 195 25.28 2.84 16.21
CA PRO B 195 26.35 3.56 16.91
C PRO B 195 27.69 3.43 16.17
N ARG B 196 28.48 4.49 16.16
CA ARG B 196 29.78 4.52 15.46
C ARG B 196 30.72 3.37 15.85
N ASP B 197 30.83 3.12 17.15
CA ASP B 197 31.72 2.10 17.69
C ASP B 197 31.26 0.68 17.34
N ASP B 198 30.00 0.54 16.93
CA ASP B 198 29.41 -0.75 16.57
C ASP B 198 29.56 -1.06 15.08
N ARG B 199 30.11 -0.11 14.33
CA ARG B 199 30.23 -0.19 12.87
C ARG B 199 30.83 -1.49 12.37
N ALA B 200 32.01 -1.84 12.87
CA ALA B 200 32.76 -2.98 12.35
C ALA B 200 32.05 -4.30 12.65
N MET B 201 31.45 -4.38 13.83
CA MET B 201 30.73 -5.58 14.26
C MET B 201 29.47 -5.78 13.41
N PHE B 202 28.65 -4.73 13.31
CA PHE B 202 27.42 -4.72 12.52
C PHE B 202 27.63 -5.14 11.07
N LEU B 203 28.64 -4.55 10.44
CA LEU B 203 28.89 -4.74 9.01
C LEU B 203 29.33 -6.17 8.68
N GLN B 204 30.18 -6.75 9.53
CA GLN B 204 30.61 -8.13 9.35
C GLN B 204 29.46 -9.12 9.60
N LEU B 205 28.63 -8.83 10.60
CA LEU B 205 27.45 -9.66 10.84
C LEU B 205 26.45 -9.58 9.69
N CYS B 206 26.28 -8.39 9.14
CA CYS B 206 25.38 -8.18 8.01
C CYS B 206 25.89 -8.87 6.74
N HIS B 207 27.20 -8.76 6.52
CA HIS B 207 27.86 -9.38 5.37
C HIS B 207 27.60 -10.87 5.29
N ARG B 208 27.76 -11.57 6.41
CA ARG B 208 27.52 -13.00 6.49
C ARG B 208 26.05 -13.37 6.28
N HIS B 209 25.14 -12.58 6.82
CA HIS B 209 23.70 -12.80 6.65
C HIS B 209 23.28 -12.62 5.20
N LEU B 210 23.92 -11.68 4.51
CA LEU B 210 23.61 -11.38 3.12
C LEU B 210 24.54 -12.11 2.15
N ASP B 211 25.21 -13.15 2.65
CA ASP B 211 26.13 -13.92 1.83
C ASP B 211 25.38 -15.08 1.18
N ALA B 212 25.07 -14.91 -0.10
CA ALA B 212 24.39 -15.93 -0.91
C ALA B 212 25.17 -17.24 -1.01
N SER B 213 26.48 -17.16 -0.77
CA SER B 213 27.38 -18.32 -0.81
C SER B 213 27.14 -19.33 0.32
N LEU B 214 26.57 -18.87 1.43
CA LEU B 214 26.31 -19.74 2.59
C LEU B 214 24.96 -20.40 2.50
N SER B 215 24.96 -21.74 2.60
CA SER B 215 23.72 -22.51 2.50
C SER B 215 23.48 -23.33 3.76
N GLY B 216 22.21 -23.61 4.02
CA GLY B 216 21.77 -24.48 5.10
C GLY B 216 22.27 -24.13 6.50
N ARG B 217 23.11 -25.00 7.04
CA ARG B 217 23.63 -24.88 8.41
C ARG B 217 24.23 -23.51 8.75
N ARG B 218 25.19 -23.06 7.95
CA ARG B 218 25.93 -21.82 8.21
C ARG B 218 25.15 -20.56 7.86
N ARG B 219 24.13 -20.71 7.02
CA ARG B 219 23.26 -19.61 6.61
C ARG B 219 22.34 -19.20 7.76
N ALA B 220 21.88 -20.18 8.54
CA ALA B 220 21.01 -19.95 9.68
C ALA B 220 21.76 -19.34 10.86
N ALA B 221 22.97 -19.85 11.12
CA ALA B 221 23.86 -19.34 12.17
C ALA B 221 24.12 -17.85 12.01
N ALA B 222 24.46 -17.44 10.79
CA ALA B 222 24.72 -16.04 10.46
C ALA B 222 23.45 -15.20 10.58
N GLY B 223 22.31 -15.81 10.25
CA GLY B 223 20.99 -15.17 10.37
C GLY B 223 20.66 -14.77 11.80
N GLU B 224 20.84 -15.70 12.74
CA GLU B 224 20.49 -15.47 14.15
C GLU B 224 21.41 -14.45 14.81
N ALA B 225 22.71 -14.57 14.55
CA ALA B 225 23.70 -13.61 15.05
C ALA B 225 23.34 -12.17 14.70
N PHE B 226 23.15 -11.91 13.41
CA PHE B 226 22.78 -10.59 12.92
C PHE B 226 21.46 -10.10 13.51
N SER B 227 20.48 -11.00 13.55
CA SER B 227 19.17 -10.69 14.11
C SER B 227 19.22 -10.42 15.61
N ARG B 228 20.21 -11.00 16.29
CA ARG B 228 20.41 -10.77 17.72
C ARG B 228 20.82 -9.32 17.96
N TYR B 229 21.64 -8.78 17.06
CA TYR B 229 22.06 -7.39 17.15
C TYR B 229 20.90 -6.44 16.85
N LEU B 230 20.17 -6.72 15.77
CA LEU B 230 19.05 -5.89 15.34
C LEU B 230 17.95 -5.77 16.41
N VAL B 231 17.67 -6.87 17.11
CA VAL B 231 16.68 -6.88 18.19
C VAL B 231 17.13 -5.98 19.35
N THR B 232 18.42 -5.98 19.62
CA THR B 232 18.98 -5.11 20.64
C THR B 232 18.90 -3.65 20.18
N MET B 233 19.08 -3.41 18.87
CA MET B 233 19.04 -2.05 18.35
C MET B 233 17.63 -1.47 18.43
N VAL B 234 16.66 -2.21 17.92
CA VAL B 234 15.26 -1.79 17.92
C VAL B 234 14.75 -1.47 19.33
N ALA B 235 15.01 -2.37 20.28
CA ALA B 235 14.61 -2.17 21.68
C ALA B 235 15.27 -0.94 22.29
N ARG B 236 16.54 -0.72 21.92
CA ARG B 236 17.31 0.42 22.38
C ARG B 236 16.80 1.72 21.76
N GLU B 237 16.34 1.64 20.50
CA GLU B 237 15.75 2.81 19.84
C GLU B 237 14.34 3.14 20.34
N ARG B 238 13.60 2.12 20.76
CA ARG B 238 12.26 2.32 21.32
C ARG B 238 12.29 3.19 22.57
N LYS B 239 13.18 2.84 23.50
CA LYS B 239 13.27 3.53 24.78
C LYS B 239 13.93 4.90 24.66
N ASP B 240 14.89 5.02 23.74
CA ASP B 240 15.67 6.23 23.58
C ASP B 240 15.96 6.49 22.08
N PRO B 241 15.08 7.24 21.40
CA PRO B 241 15.18 7.47 19.95
C PRO B 241 16.44 8.24 19.54
N GLY B 242 17.23 7.63 18.66
CA GLY B 242 18.43 8.25 18.13
C GLY B 242 18.17 9.21 16.97
N ASP B 243 19.25 9.60 16.29
CA ASP B 243 19.18 10.59 15.21
C ASP B 243 19.02 9.97 13.83
N GLY B 244 19.33 8.68 13.72
CA GLY B 244 19.25 7.97 12.45
C GLY B 244 17.84 7.65 12.00
N LEU B 245 17.73 7.04 10.83
CA LEU B 245 16.43 6.71 10.24
C LEU B 245 15.51 5.94 11.17
N ILE B 246 16.03 4.91 11.83
CA ILE B 246 15.23 4.08 12.72
C ILE B 246 14.68 4.89 13.89
N GLY B 247 15.55 5.66 14.53
CA GLY B 247 15.17 6.55 15.61
C GLY B 247 14.15 7.57 15.18
N MET B 248 14.34 8.10 13.97
CA MET B 248 13.43 9.09 13.41
C MET B 248 12.03 8.48 13.29
N VAL B 249 11.95 7.27 12.74
CA VAL B 249 10.68 6.58 12.54
C VAL B 249 9.92 6.35 13.85
N VAL B 250 10.64 5.90 14.88
CA VAL B 250 9.99 5.57 16.16
C VAL B 250 9.51 6.81 16.93
N ALA B 251 10.22 7.93 16.77
CA ALA B 251 9.86 9.16 17.47
C ALA B 251 8.68 9.86 16.77
N GLU B 252 8.60 9.67 15.46
CA GLU B 252 7.55 10.27 14.64
C GLU B 252 6.31 9.36 14.63
N HIS B 253 6.51 8.07 14.42
CA HIS B 253 5.41 7.11 14.22
C HIS B 253 5.59 5.81 15.00
N GLY B 254 6.06 5.90 16.23
CA GLY B 254 6.33 4.71 17.06
C GLY B 254 5.15 3.81 17.35
N ASP B 255 3.95 4.38 17.38
CA ASP B 255 2.74 3.65 17.73
C ASP B 255 2.14 2.84 16.58
N THR B 256 2.67 3.04 15.37
CA THR B 256 2.06 2.48 14.15
C THR B 256 3.03 1.70 13.27
N VAL B 257 4.18 1.35 13.84
CA VAL B 257 5.24 0.62 13.13
C VAL B 257 5.75 -0.52 14.00
N THR B 258 5.83 -1.72 13.44
CA THR B 258 6.22 -2.91 14.18
C THR B 258 7.73 -3.08 14.24
N ASP B 259 8.20 -3.88 15.20
CA ASP B 259 9.61 -4.22 15.32
C ASP B 259 10.13 -4.88 14.04
N GLU B 260 9.35 -5.82 13.52
CA GLU B 260 9.69 -6.55 12.31
C GLU B 260 9.87 -5.61 11.12
N GLU B 261 9.04 -4.57 11.06
CA GLU B 261 9.16 -3.55 10.01
C GLU B 261 10.46 -2.76 10.14
N LEU B 262 10.79 -2.35 11.36
CA LEU B 262 11.99 -1.57 11.62
C LEU B 262 13.24 -2.38 11.33
N ARG B 263 13.18 -3.67 11.67
CA ARG B 263 14.27 -4.61 11.43
C ARG B 263 14.43 -4.82 9.93
N GLY B 264 13.30 -4.92 9.23
CA GLY B 264 13.27 -5.04 7.77
C GLY B 264 13.88 -3.84 7.07
N VAL B 265 13.65 -2.65 7.62
CA VAL B 265 14.15 -1.41 7.03
C VAL B 265 15.69 -1.38 7.02
N CYS B 266 16.30 -1.78 8.15
CA CYS B 266 17.75 -1.91 8.26
C CYS B 266 18.31 -2.85 7.20
N VAL B 267 17.89 -4.13 7.26
CA VAL B 267 18.38 -5.14 6.33
C VAL B 267 18.31 -4.60 4.91
N GLN B 268 17.13 -4.18 4.50
CA GLN B 268 16.90 -3.81 3.10
C GLN B 268 17.64 -2.54 2.70
N MET B 269 17.89 -1.67 3.67
CA MET B 269 18.69 -0.47 3.42
C MET B 269 20.12 -0.90 3.08
N MET B 270 20.59 -1.95 3.74
CA MET B 270 21.90 -2.54 3.47
C MET B 270 21.98 -3.23 2.12
N LEU B 271 20.88 -3.83 1.68
CA LEU B 271 20.82 -4.47 0.36
C LEU B 271 20.75 -3.46 -0.74
N ALA B 272 20.03 -2.36 -0.51
CA ALA B 272 19.82 -1.36 -1.54
C ALA B 272 21.06 -0.48 -1.78
N GLY B 273 21.89 -0.30 -0.77
CA GLY B 273 22.95 0.71 -0.84
C GLY B 273 24.40 0.26 -0.88
N ASP B 274 24.64 -1.06 -0.88
CA ASP B 274 26.00 -1.54 -0.75
C ASP B 274 26.64 -1.80 -2.12
N ASP B 275 26.22 -2.87 -2.77
CA ASP B 275 26.82 -3.32 -4.02
C ASP B 275 26.76 -2.31 -5.16
N ASN B 276 25.66 -1.57 -5.28
CA ASN B 276 25.56 -0.50 -6.25
C ASN B 276 26.67 0.53 -6.07
N ILE B 277 27.00 0.84 -4.81
CA ILE B 277 28.01 1.85 -4.52
C ILE B 277 29.42 1.28 -4.75
N SER B 278 29.69 0.09 -4.21
CA SER B 278 31.01 -0.53 -4.39
C SER B 278 31.30 -0.76 -5.87
N GLY B 279 30.26 -1.14 -6.62
CA GLY B 279 30.34 -1.34 -8.05
C GLY B 279 30.65 -0.05 -8.79
N MET B 280 30.01 1.05 -8.37
CA MET B 280 30.29 2.35 -8.94
C MET B 280 31.72 2.83 -8.65
N ILE B 281 32.21 2.61 -7.44
CA ILE B 281 33.56 3.01 -7.08
C ILE B 281 34.58 2.33 -7.98
N GLY B 282 34.49 1.00 -8.06
CA GLY B 282 35.44 0.21 -8.84
C GLY B 282 35.38 0.53 -10.32
N LEU B 283 34.18 0.45 -10.89
CA LEU B 283 33.99 0.69 -12.31
C LEU B 283 34.33 2.13 -12.66
N GLY B 284 33.92 3.05 -11.77
CA GLY B 284 34.15 4.47 -11.96
C GLY B 284 35.63 4.80 -12.04
N VAL B 285 36.39 4.23 -11.12
CA VAL B 285 37.84 4.41 -11.08
C VAL B 285 38.51 3.87 -12.35
N LEU B 286 38.13 2.68 -12.79
CA LEU B 286 38.69 2.13 -14.02
C LEU B 286 38.33 3.00 -15.22
N ALA B 287 37.09 3.49 -15.26
CA ALA B 287 36.64 4.30 -16.40
C ALA B 287 37.38 5.63 -16.47
N LEU B 288 37.69 6.20 -15.29
CA LEU B 288 38.43 7.44 -15.23
C LEU B 288 39.92 7.22 -15.55
N LEU B 289 40.48 6.10 -15.10
CA LEU B 289 41.87 5.78 -15.42
C LEU B 289 42.04 5.50 -16.91
N ARG B 290 41.01 4.90 -17.51
CA ARG B 290 40.98 4.62 -18.94
C ARG B 290 40.64 5.86 -19.78
N ASN B 291 40.12 6.89 -19.14
CA ASN B 291 39.91 8.17 -19.83
C ASN B 291 40.54 9.32 -19.05
N PRO B 292 41.88 9.31 -18.88
CA PRO B 292 42.54 10.20 -17.92
C PRO B 292 42.31 11.69 -18.10
N GLU B 293 41.96 12.13 -19.31
CA GLU B 293 41.72 13.56 -19.55
C GLU B 293 40.47 14.05 -18.79
N GLN B 294 39.62 13.11 -18.39
CA GLN B 294 38.35 13.43 -17.72
C GLN B 294 38.46 13.50 -16.19
N ILE B 295 39.61 13.08 -15.64
CA ILE B 295 39.84 13.14 -14.19
C ILE B 295 39.82 14.59 -13.66
N ALA B 296 40.20 15.54 -14.52
CA ALA B 296 40.18 16.97 -14.20
C ALA B 296 38.82 17.50 -13.70
N ALA B 297 37.73 16.86 -14.12
CA ALA B 297 36.39 17.23 -13.65
C ALA B 297 36.16 16.92 -12.17
N LEU B 298 36.95 16.01 -11.61
CA LEU B 298 36.91 15.67 -10.19
C LEU B 298 37.94 16.42 -9.35
N ARG B 299 38.71 17.31 -9.98
CA ARG B 299 39.81 18.02 -9.32
C ARG B 299 39.59 19.54 -9.35
N GLY B 300 38.34 19.96 -9.58
CA GLY B 300 38.01 21.38 -9.64
C GLY B 300 36.85 21.72 -8.71
N ASP B 301 35.95 22.57 -9.19
CA ASP B 301 34.77 22.99 -8.43
C ASP B 301 33.81 21.83 -8.19
N VAL B 302 32.80 22.07 -7.35
CA VAL B 302 31.83 21.03 -6.98
C VAL B 302 30.87 20.66 -8.12
N PRO B 303 30.24 21.66 -8.79
CA PRO B 303 29.29 21.32 -9.86
C PRO B 303 29.89 20.48 -11.00
N ALA B 304 31.15 20.73 -11.34
CA ALA B 304 31.86 19.89 -12.30
C ALA B 304 31.92 18.43 -11.85
N ALA B 305 32.16 18.23 -10.55
CA ALA B 305 32.22 16.88 -9.99
C ALA B 305 30.84 16.22 -9.96
N GLU B 306 29.80 17.03 -9.71
CA GLU B 306 28.42 16.54 -9.74
C GLU B 306 28.04 16.04 -11.13
N ARG B 307 28.42 16.78 -12.17
CA ARG B 307 28.15 16.39 -13.55
C ARG B 307 28.95 15.15 -13.95
N ALA B 308 30.20 15.08 -13.53
CA ALA B 308 31.04 13.90 -13.75
C ALA B 308 30.41 12.64 -13.18
N VAL B 309 29.92 12.75 -11.94
CA VAL B 309 29.29 11.64 -11.22
C VAL B 309 28.03 11.12 -11.91
N ASP B 310 27.12 12.01 -12.30
CA ASP B 310 25.88 11.57 -12.93
C ASP B 310 26.15 10.90 -14.29
N GLU B 311 27.10 11.43 -15.04
CA GLU B 311 27.55 10.84 -16.29
C GLU B 311 28.09 9.43 -16.08
N LEU B 312 28.90 9.26 -15.03
CA LEU B 312 29.42 7.94 -14.67
C LEU B 312 28.29 7.00 -14.27
N ILE B 313 27.30 7.52 -13.55
CA ILE B 313 26.14 6.71 -13.17
C ILE B 313 25.36 6.28 -14.41
N ARG B 314 25.15 7.21 -15.34
CA ARG B 314 24.46 6.90 -16.59
C ARG B 314 25.23 5.90 -17.44
N TYR B 315 26.52 6.16 -17.60
CA TYR B 315 27.36 5.38 -18.50
C TYR B 315 27.65 3.97 -17.98
N LEU B 316 27.82 3.84 -16.67
CA LEU B 316 28.17 2.56 -16.09
C LEU B 316 26.92 1.76 -15.69
N THR B 317 25.86 2.43 -15.33
CA THR B 317 24.58 1.76 -15.08
C THR B 317 24.68 0.42 -14.39
N VAL B 318 25.12 0.41 -13.15
CA VAL B 318 25.46 -0.78 -12.42
C VAL B 318 24.35 -1.81 -12.20
N PRO B 319 23.11 -1.40 -11.97
CA PRO B 319 22.06 -2.41 -11.87
C PRO B 319 21.62 -2.89 -13.24
N TYR B 320 21.54 -4.20 -13.42
CA TYR B 320 21.09 -4.80 -14.67
C TYR B 320 19.62 -4.52 -14.94
N ALA B 321 18.83 -4.54 -13.87
CA ALA B 321 17.38 -4.42 -13.95
C ALA B 321 16.82 -3.95 -12.62
N PRO B 322 15.69 -3.23 -12.65
CA PRO B 322 14.99 -2.99 -11.39
C PRO B 322 14.23 -4.25 -11.00
N THR B 323 13.47 -4.18 -9.90
CA THR B 323 12.62 -5.29 -9.50
C THR B 323 11.72 -5.70 -10.67
N PRO B 324 11.60 -7.02 -10.92
CA PRO B 324 10.71 -7.46 -11.98
C PRO B 324 9.27 -6.96 -11.78
N ARG B 325 8.62 -6.56 -12.87
CA ARG B 325 7.23 -6.18 -12.86
C ARG B 325 6.36 -7.28 -13.44
N THR B 326 5.26 -7.59 -12.75
CA THR B 326 4.26 -8.52 -13.24
C THR B 326 2.99 -7.73 -13.53
N ALA B 327 2.41 -7.95 -14.71
CA ALA B 327 1.18 -7.28 -15.08
C ALA B 327 0.01 -7.77 -14.24
N ILE B 328 -0.73 -6.81 -13.67
CA ILE B 328 -1.95 -7.07 -12.91
C ILE B 328 -3.14 -7.04 -13.88
N GLU B 329 -3.06 -6.14 -14.86
CA GLU B 329 -4.06 -6.02 -15.90
C GLU B 329 -3.33 -5.83 -17.22
N ASP B 330 -4.02 -6.10 -18.33
CA ASP B 330 -3.45 -5.87 -19.65
C ASP B 330 -3.18 -4.38 -19.87
N SER B 331 -2.04 -4.06 -20.45
CA SER B 331 -1.74 -2.67 -20.82
C SER B 331 -0.84 -2.62 -22.05
N THR B 332 -0.94 -1.54 -22.82
CA THR B 332 -0.07 -1.38 -23.97
C THR B 332 1.18 -0.62 -23.56
N VAL B 333 2.33 -1.15 -23.96
CA VAL B 333 3.61 -0.49 -23.77
C VAL B 333 4.28 -0.39 -25.14
N GLY B 334 4.78 0.79 -25.47
CA GLY B 334 5.34 1.05 -26.80
C GLY B 334 4.25 0.67 -27.77
N ASP B 335 4.51 -0.36 -28.56
CA ASP B 335 3.54 -0.83 -29.55
C ASP B 335 2.87 -2.17 -29.26
N GLN B 336 3.33 -2.84 -28.20
CA GLN B 336 2.89 -4.19 -27.89
C GLN B 336 1.84 -4.18 -26.79
N VAL B 337 1.03 -5.24 -26.72
CA VAL B 337 0.09 -5.43 -25.62
C VAL B 337 0.64 -6.47 -24.65
N ILE B 338 0.91 -6.04 -23.42
CA ILE B 338 1.36 -6.93 -22.35
C ILE B 338 0.14 -7.44 -21.59
N LYS B 339 0.01 -8.76 -21.53
CA LYS B 339 -1.16 -9.40 -20.91
C LYS B 339 -0.96 -9.66 -19.42
N ALA B 340 -2.08 -9.72 -18.70
CA ALA B 340 -2.10 -9.99 -17.27
C ALA B 340 -1.37 -11.28 -16.95
N GLY B 341 -0.55 -11.26 -15.91
CA GLY B 341 0.19 -12.44 -15.49
C GLY B 341 1.59 -12.54 -16.07
N GLU B 342 1.84 -11.81 -17.16
CA GLU B 342 3.17 -11.75 -17.77
C GLU B 342 4.11 -10.85 -16.97
N THR B 343 5.41 -11.12 -17.11
CA THR B 343 6.43 -10.40 -16.37
C THR B 343 7.23 -9.49 -17.32
N VAL B 344 7.70 -8.36 -16.80
CA VAL B 344 8.50 -7.44 -17.60
C VAL B 344 9.82 -7.12 -16.88
N LEU B 345 10.90 -7.23 -17.65
CA LEU B 345 12.25 -7.00 -17.17
C LEU B 345 12.82 -5.81 -17.93
N CYS B 346 13.20 -4.76 -17.21
CA CYS B 346 13.72 -3.55 -17.82
C CYS B 346 15.25 -3.56 -17.86
N SER B 347 15.84 -3.42 -19.04
CA SER B 347 17.28 -3.28 -19.15
C SER B 347 17.70 -1.83 -18.97
N LEU B 348 18.04 -1.46 -17.74
CA LEU B 348 18.42 -0.08 -17.44
C LEU B 348 19.69 0.34 -18.16
N PRO B 349 20.71 -0.56 -18.24
CA PRO B 349 21.91 -0.20 -19.01
C PRO B 349 21.64 0.11 -20.49
N THR B 350 20.82 -0.69 -21.16
CA THR B 350 20.50 -0.43 -22.56
C THR B 350 19.72 0.87 -22.72
N ALA B 351 18.71 1.06 -21.87
CA ALA B 351 17.88 2.26 -21.92
C ALA B 351 18.71 3.54 -21.80
N ASN B 352 19.76 3.48 -20.99
CA ASN B 352 20.64 4.64 -20.77
C ASN B 352 21.65 4.86 -21.90
N ARG B 353 21.63 3.99 -22.91
CA ARG B 353 22.43 4.17 -24.13
C ARG B 353 21.57 4.56 -25.33
N ASP B 354 20.30 4.85 -25.08
CA ASP B 354 19.32 5.12 -26.11
C ASP B 354 19.56 6.50 -26.72
N PRO B 355 19.66 6.57 -28.06
CA PRO B 355 19.75 7.86 -28.76
C PRO B 355 18.59 8.81 -28.42
N ALA B 356 17.46 8.24 -28.01
CA ALA B 356 16.30 9.02 -27.56
C ALA B 356 16.59 9.82 -26.30
N LEU B 357 17.59 9.37 -25.52
CA LEU B 357 17.97 10.04 -24.27
C LEU B 357 19.06 11.10 -24.50
N LEU B 358 20.12 10.73 -25.22
CA LEU B 358 21.20 11.65 -25.57
C LEU B 358 21.96 11.17 -26.82
N PRO B 359 22.63 12.07 -27.49
CA PRO B 359 23.47 11.71 -28.62
C PRO B 359 24.82 11.14 -28.17
N ASP B 360 25.34 10.18 -28.92
CA ASP B 360 26.61 9.58 -28.59
C ASP B 360 26.65 8.94 -27.17
N ALA B 361 25.69 8.08 -26.81
CA ALA B 361 25.55 7.62 -25.45
C ALA B 361 26.60 6.59 -25.07
N ASP B 362 27.22 5.98 -26.09
CA ASP B 362 28.25 4.96 -25.85
C ASP B 362 29.62 5.57 -25.56
N ARG B 363 29.68 6.89 -25.57
CA ARG B 363 30.88 7.63 -25.22
C ARG B 363 30.78 8.24 -23.81
N LEU B 364 31.85 8.12 -23.01
CA LEU B 364 31.94 8.77 -21.70
C LEU B 364 32.41 10.22 -21.82
N ASP B 365 31.58 11.15 -21.35
CA ASP B 365 31.90 12.57 -21.41
C ASP B 365 31.38 13.29 -20.17
N VAL B 366 32.27 13.45 -19.19
CA VAL B 366 31.94 14.02 -17.87
C VAL B 366 31.50 15.48 -17.90
N THR B 367 31.75 16.17 -19.00
CA THR B 367 31.50 17.60 -19.08
C THR B 367 30.04 17.91 -19.48
N ARG B 368 29.22 16.90 -19.68
CA ARG B 368 27.87 17.21 -20.16
C ARG B 368 26.79 17.37 -19.12
N GLU B 369 25.80 18.18 -19.46
CA GLU B 369 24.68 18.44 -18.57
C GLU B 369 23.92 17.14 -18.36
N ALA B 370 23.52 16.89 -17.12
CA ALA B 370 22.82 15.67 -16.75
C ALA B 370 21.55 15.48 -17.58
N VAL B 371 21.20 14.22 -17.84
CA VAL B 371 20.00 13.87 -18.59
C VAL B 371 19.07 13.00 -17.71
N PRO B 372 17.77 12.93 -18.05
CA PRO B 372 16.84 12.07 -17.30
C PRO B 372 17.07 10.56 -17.49
N HIS B 373 18.24 10.07 -17.10
CA HIS B 373 18.54 8.63 -17.20
C HIS B 373 17.68 7.80 -16.24
N VAL B 374 17.68 6.47 -16.42
CA VAL B 374 16.89 5.56 -15.57
C VAL B 374 17.71 4.67 -14.63
N ALA B 375 18.98 5.02 -14.39
CA ALA B 375 19.84 4.20 -13.52
C ALA B 375 19.29 4.11 -12.11
N PHE B 376 18.61 5.17 -11.68
CA PHE B 376 17.95 5.25 -10.36
C PHE B 376 16.45 4.88 -10.44
N GLY B 377 16.04 4.28 -11.54
CA GLY B 377 14.65 3.92 -11.73
C GLY B 377 13.82 5.11 -12.17
N HIS B 378 12.50 5.00 -12.01
CA HIS B 378 11.57 6.06 -12.41
C HIS B 378 10.21 5.79 -11.79
N GLY B 379 9.54 6.85 -11.34
CA GLY B 379 8.20 6.71 -10.77
C GLY B 379 8.24 6.62 -9.26
N VAL B 380 7.24 5.93 -8.70
CA VAL B 380 7.08 5.93 -7.25
C VAL B 380 8.23 5.21 -6.52
N HIS B 381 8.91 4.30 -7.22
CA HIS B 381 10.02 3.53 -6.64
C HIS B 381 11.41 4.16 -6.87
N HIS B 382 11.45 5.32 -7.54
CA HIS B 382 12.71 6.01 -7.83
C HIS B 382 13.60 6.00 -6.59
N CYS B 383 14.87 5.66 -6.79
CA CYS B 383 15.84 5.48 -5.69
C CYS B 383 15.72 6.51 -4.58
N LEU B 384 15.42 6.00 -3.38
CA LEU B 384 15.27 6.84 -2.21
C LEU B 384 16.62 7.37 -1.72
N GLY B 385 17.70 6.70 -2.10
CA GLY B 385 19.04 7.14 -1.73
C GLY B 385 19.84 7.82 -2.83
N ALA B 386 19.16 8.25 -3.89
CA ALA B 386 19.83 8.87 -5.05
C ALA B 386 20.76 10.04 -4.70
N ALA B 387 20.28 10.96 -3.87
CA ALA B 387 21.08 12.12 -3.45
C ALA B 387 22.25 11.72 -2.57
N LEU B 388 22.08 10.67 -1.77
CA LEU B 388 23.13 10.17 -0.90
C LEU B 388 24.23 9.49 -1.72
N ALA B 389 23.83 8.62 -2.62
CA ALA B 389 24.75 7.96 -3.55
C ALA B 389 25.59 8.97 -4.33
N ARG B 390 24.95 9.98 -4.93
CA ARG B 390 25.66 11.04 -5.67
C ARG B 390 26.69 11.76 -4.81
N LEU B 391 26.33 12.04 -3.57
CA LEU B 391 27.23 12.68 -2.62
C LEU B 391 28.40 11.77 -2.25
N GLU B 392 28.07 10.52 -1.92
CA GLU B 392 29.05 9.50 -1.56
C GLU B 392 30.11 9.33 -2.65
N LEU B 393 29.64 9.11 -3.87
CA LEU B 393 30.51 8.91 -5.03
C LEU B 393 31.40 10.10 -5.33
N ARG B 394 30.84 11.30 -5.20
CA ARG B 394 31.58 12.53 -5.45
C ARG B 394 32.74 12.70 -4.45
N ILE B 395 32.46 12.45 -3.19
CA ILE B 395 33.47 12.58 -2.13
C ILE B 395 34.54 11.51 -2.31
N ALA B 396 34.10 10.28 -2.60
CA ALA B 396 35.02 9.16 -2.77
C ALA B 396 35.99 9.39 -3.92
N TYR B 397 35.48 9.68 -5.12
CA TYR B 397 36.35 9.95 -6.30
C TYR B 397 37.27 11.16 -6.08
N THR B 398 36.70 12.28 -5.65
CA THR B 398 37.46 13.51 -5.41
C THR B 398 38.61 13.30 -4.44
N ALA B 399 38.32 12.68 -3.30
CA ALA B 399 39.33 12.43 -2.26
C ALA B 399 40.40 11.46 -2.74
N LEU B 400 39.98 10.46 -3.52
CA LEU B 400 40.91 9.47 -4.06
C LEU B 400 42.03 10.13 -4.86
N TRP B 401 41.68 11.03 -5.76
CA TRP B 401 42.66 11.74 -6.58
C TRP B 401 43.38 12.89 -5.88
N ARG B 402 42.76 13.49 -4.87
CA ARG B 402 43.43 14.49 -4.03
C ARG B 402 44.56 13.84 -3.23
N ARG B 403 44.35 12.60 -2.80
CA ARG B 403 45.34 11.84 -2.05
C ARG B 403 46.37 11.18 -2.96
N PHE B 404 45.90 10.62 -4.07
CA PHE B 404 46.78 9.92 -5.01
C PHE B 404 46.65 10.47 -6.43
N PRO B 405 47.26 11.64 -6.69
CA PRO B 405 47.14 12.28 -8.01
C PRO B 405 47.66 11.41 -9.17
N ASP B 406 48.63 10.56 -8.87
CA ASP B 406 49.29 9.72 -9.86
C ASP B 406 48.80 8.27 -9.78
N LEU B 407 47.57 8.11 -9.30
CA LEU B 407 46.92 6.80 -9.21
C LEU B 407 47.00 6.07 -10.55
N ARG B 408 47.29 4.78 -10.49
CA ARG B 408 47.70 4.04 -11.67
C ARG B 408 47.38 2.56 -11.50
N LEU B 409 46.97 1.90 -12.58
CA LEU B 409 46.80 0.45 -12.58
C LEU B 409 48.14 -0.26 -12.43
N ALA B 410 48.19 -1.25 -11.56
CA ALA B 410 49.41 -2.01 -11.30
C ALA B 410 49.83 -2.91 -12.48
N ASP B 411 48.84 -3.42 -13.20
CA ASP B 411 49.07 -4.28 -14.37
C ASP B 411 48.19 -3.83 -15.54
N PRO B 412 48.66 -2.81 -16.30
CA PRO B 412 47.90 -2.18 -17.39
C PRO B 412 47.51 -3.15 -18.51
N ASP B 413 48.32 -4.20 -18.71
CA ASP B 413 48.07 -5.20 -19.74
C ASP B 413 47.16 -6.33 -19.28
N GLY B 414 46.74 -6.31 -18.02
CA GLY B 414 45.94 -7.40 -17.46
C GLY B 414 44.48 -7.32 -17.84
N ALA B 415 43.85 -8.49 -17.98
CA ALA B 415 42.41 -8.61 -18.17
C ALA B 415 41.72 -8.19 -16.90
N THR B 416 40.60 -7.49 -17.04
CA THR B 416 39.85 -6.97 -15.90
C THR B 416 38.95 -8.05 -15.29
N GLU B 417 39.03 -8.17 -13.96
CA GLU B 417 38.22 -9.14 -13.24
C GLU B 417 36.90 -8.51 -12.80
N PHE B 418 35.86 -8.67 -13.62
CA PHE B 418 34.54 -8.11 -13.31
C PHE B 418 33.78 -8.94 -12.26
N ARG B 419 32.86 -8.30 -11.56
CA ARG B 419 32.02 -8.94 -10.56
C ARG B 419 30.74 -9.42 -11.25
N LEU B 420 30.58 -10.74 -11.32
CA LEU B 420 29.55 -11.34 -12.21
C LEU B 420 28.37 -12.02 -11.51
N SER B 421 28.53 -12.34 -10.23
CA SER B 421 27.49 -13.04 -9.47
C SER B 421 26.29 -12.16 -9.10
N THR B 422 26.57 -10.95 -8.61
CA THR B 422 25.62 -10.07 -7.93
C THR B 422 24.45 -9.53 -8.77
N PRO B 423 23.51 -8.81 -8.11
CA PRO B 423 22.49 -8.06 -8.86
C PRO B 423 23.01 -6.71 -9.37
N ALA B 424 24.31 -6.46 -9.19
CA ALA B 424 24.93 -5.22 -9.65
C ALA B 424 26.31 -5.45 -10.26
N TYR B 425 26.53 -4.88 -11.45
CA TYR B 425 27.82 -4.95 -12.11
C TYR B 425 28.89 -4.22 -11.29
N GLY B 426 30.14 -4.63 -11.44
CA GLY B 426 31.23 -4.03 -10.70
C GLY B 426 32.55 -4.63 -11.09
N ILE B 427 33.54 -4.45 -10.23
CA ILE B 427 34.84 -5.07 -10.38
C ILE B 427 35.20 -5.77 -9.08
N SER B 428 35.66 -7.01 -9.17
CA SER B 428 35.90 -7.80 -7.99
C SER B 428 37.30 -7.60 -7.41
N ARG B 429 38.23 -7.14 -8.25
CA ARG B 429 39.62 -6.92 -7.82
C ARG B 429 40.31 -5.96 -8.78
N LEU B 430 41.02 -4.98 -8.22
CA LEU B 430 41.69 -3.95 -8.99
C LEU B 430 42.98 -3.49 -8.30
N MET B 431 44.11 -3.95 -8.82
CA MET B 431 45.41 -3.63 -8.23
C MET B 431 45.90 -2.26 -8.71
N VAL B 432 46.27 -1.41 -7.75
CA VAL B 432 46.71 -0.05 -8.08
C VAL B 432 48.02 0.31 -7.40
N THR B 433 48.78 1.22 -8.02
CA THR B 433 49.92 1.87 -7.40
C THR B 433 49.68 3.39 -7.43
N TRP B 434 50.57 4.16 -6.80
CA TRP B 434 50.40 5.62 -6.75
C TRP B 434 51.73 6.36 -6.65
N ARG C 42 -8.17 28.60 -37.69
CA ARG C 42 -8.67 27.28 -37.20
C ARG C 42 -9.02 27.29 -35.70
N PRO C 43 -8.10 27.75 -34.83
CA PRO C 43 -8.40 27.67 -33.40
C PRO C 43 -9.39 28.76 -32.95
N PRO C 44 -10.32 28.42 -32.03
CA PRO C 44 -11.32 29.38 -31.55
C PRO C 44 -10.66 30.63 -30.96
N ILE C 45 -11.31 31.79 -31.17
CA ILE C 45 -10.73 33.09 -30.85
C ILE C 45 -10.48 33.30 -29.34
N HIS C 46 -11.33 32.71 -28.50
CA HIS C 46 -11.22 32.89 -27.05
C HIS C 46 -10.09 32.06 -26.41
N THR C 47 -9.43 31.24 -27.22
CA THR C 47 -8.34 30.38 -26.72
C THR C 47 -6.95 30.87 -27.13
N LEU C 48 -6.89 31.92 -27.94
CA LEU C 48 -5.63 32.42 -28.46
C LEU C 48 -4.87 33.31 -27.48
N ARG C 49 -3.61 32.96 -27.25
CA ARG C 49 -2.74 33.69 -26.33
C ARG C 49 -1.45 34.16 -27.03
N GLN C 50 -0.84 35.21 -26.49
CA GLN C 50 0.46 35.69 -26.95
C GLN C 50 1.40 35.76 -25.75
N GLY C 51 2.15 34.69 -25.53
CA GLY C 51 2.93 34.53 -24.31
C GLY C 51 1.97 34.45 -23.14
N PHE C 52 2.02 35.44 -22.26
CA PHE C 52 1.08 35.51 -21.14
C PHE C 52 -0.23 36.22 -21.48
N ASP C 53 -0.17 37.12 -22.46
CA ASP C 53 -1.29 38.00 -22.80
C ASP C 53 -2.33 37.35 -23.71
N PRO C 54 -3.58 37.85 -23.68
CA PRO C 54 -4.57 37.49 -24.71
C PRO C 54 -4.14 38.02 -26.08
N ALA C 55 -4.38 37.23 -27.13
CA ALA C 55 -3.96 37.59 -28.49
C ALA C 55 -4.59 38.89 -28.99
N ASP C 56 -3.91 39.55 -29.92
CA ASP C 56 -4.34 40.87 -30.40
C ASP C 56 -5.72 40.85 -31.07
N GLU C 57 -6.04 39.78 -31.79
CA GLU C 57 -7.37 39.60 -32.38
C GLU C 57 -8.45 39.54 -31.30
N LEU C 58 -8.12 38.91 -30.17
CA LEU C 58 -9.03 38.82 -29.04
C LEU C 58 -9.16 40.15 -28.28
N ARG C 59 -8.07 40.91 -28.24
CA ARG C 59 -8.05 42.21 -27.57
C ARG C 59 -8.70 43.30 -28.43
N ALA C 60 -8.60 43.16 -29.76
CA ALA C 60 -9.18 44.13 -30.69
C ALA C 60 -10.69 43.95 -30.88
N ALA C 61 -11.20 42.79 -30.46
CA ALA C 61 -12.64 42.54 -30.46
C ALA C 61 -13.31 43.42 -29.41
N GLY C 62 -14.42 44.03 -29.77
CA GLY C 62 -15.11 44.99 -28.91
C GLY C 62 -15.63 44.46 -27.59
N GLU C 63 -16.18 45.35 -26.79
CA GLU C 63 -16.78 45.05 -25.49
C GLU C 63 -17.76 43.87 -25.56
N LEU C 64 -18.60 43.85 -26.59
CA LEU C 64 -19.60 42.81 -26.79
C LEU C 64 -20.09 42.77 -28.24
N THR C 65 -19.65 41.76 -28.99
CA THR C 65 -20.04 41.58 -30.39
C THR C 65 -20.34 40.11 -30.72
N ARG C 66 -21.01 39.88 -31.85
CA ARG C 66 -21.25 38.52 -32.36
C ARG C 66 -20.05 38.02 -33.15
N VAL C 67 -19.63 36.78 -32.89
CA VAL C 67 -18.43 36.21 -33.52
C VAL C 67 -18.68 34.87 -34.25
N ARG C 68 -17.61 34.32 -34.80
CA ARG C 68 -17.67 33.09 -35.61
C ARG C 68 -16.87 31.92 -35.05
N LEU C 69 -16.86 31.79 -33.72
CA LEU C 69 -16.15 30.68 -33.05
C LEU C 69 -16.87 29.34 -33.26
N GLU C 76 -21.68 28.45 -36.00
CA GLU C 76 -22.69 28.93 -35.06
C GLU C 76 -22.43 30.35 -34.60
N HIS C 77 -23.47 31.18 -34.63
CA HIS C 77 -23.38 32.56 -34.15
C HIS C 77 -23.52 32.60 -32.63
N THR C 78 -22.56 33.23 -31.98
CA THR C 78 -22.55 33.36 -30.52
C THR C 78 -21.92 34.69 -30.09
N TRP C 79 -22.28 35.15 -28.88
CA TRP C 79 -21.73 36.39 -28.34
C TRP C 79 -20.37 36.19 -27.67
N LEU C 80 -19.49 37.15 -27.86
CA LEU C 80 -18.21 37.19 -27.14
C LEU C 80 -18.15 38.45 -26.27
N ALA C 81 -17.94 38.24 -24.97
CA ALA C 81 -17.90 39.34 -24.01
C ALA C 81 -16.51 39.50 -23.42
N THR C 82 -15.90 40.67 -23.65
CA THR C 82 -14.51 40.92 -23.26
C THR C 82 -14.36 41.95 -22.13
N GLY C 83 -15.39 42.76 -21.93
CA GLY C 83 -15.34 43.80 -20.91
C GLY C 83 -15.62 43.25 -19.54
N HIS C 84 -15.00 43.85 -18.53
CA HIS C 84 -15.18 43.43 -17.13
C HIS C 84 -16.65 43.56 -16.70
N ASP C 85 -17.19 44.77 -16.83
CA ASP C 85 -18.57 45.07 -16.43
C ASP C 85 -19.58 44.13 -17.08
N VAL C 86 -19.44 43.89 -18.39
CA VAL C 86 -20.37 43.02 -19.12
C VAL C 86 -20.28 41.55 -18.71
N VAL C 87 -19.06 41.05 -18.52
CA VAL C 87 -18.83 39.69 -18.01
C VAL C 87 -19.49 39.50 -16.64
N ARG C 88 -19.35 40.50 -15.75
CA ARG C 88 -20.03 40.52 -14.45
C ARG C 88 -21.55 40.45 -14.59
N GLN C 89 -22.10 41.16 -15.57
CA GLN C 89 -23.54 41.15 -15.80
C GLN C 89 -24.03 39.75 -16.20
N VAL C 90 -23.29 39.11 -17.10
CA VAL C 90 -23.63 37.77 -17.59
C VAL C 90 -23.57 36.71 -16.49
N LEU C 91 -22.49 36.72 -15.71
CA LEU C 91 -22.28 35.72 -14.66
C LEU C 91 -23.16 35.95 -13.43
N GLY C 92 -23.48 37.21 -13.16
CA GLY C 92 -24.34 37.57 -12.02
C GLY C 92 -25.81 37.27 -12.26
N ASP C 93 -26.16 36.96 -13.50
CA ASP C 93 -27.54 36.72 -13.91
C ASP C 93 -27.78 35.20 -14.03
N HIS C 94 -28.19 34.60 -12.92
CA HIS C 94 -28.45 33.17 -12.84
C HIS C 94 -29.94 32.88 -13.05
N THR C 95 -30.63 33.81 -13.69
CA THR C 95 -32.08 33.69 -13.76
C THR C 95 -32.59 33.87 -15.18
N ARG C 96 -31.81 34.58 -16.01
CA ARG C 96 -32.10 34.73 -17.42
C ARG C 96 -31.05 34.03 -18.29
N PHE C 97 -30.03 33.47 -17.64
CA PHE C 97 -28.98 32.70 -18.33
C PHE C 97 -28.83 31.29 -17.73
N SER C 98 -28.68 30.30 -18.60
CA SER C 98 -28.54 28.90 -18.21
C SER C 98 -27.15 28.36 -18.54
N THR C 99 -26.62 27.52 -17.64
CA THR C 99 -25.32 26.85 -17.86
C THR C 99 -25.49 25.44 -18.42
N ARG C 100 -26.73 24.98 -18.51
CA ARG C 100 -27.04 23.62 -18.96
C ARG C 100 -26.57 23.34 -20.38
N ARG C 101 -25.83 22.25 -20.54
CA ARG C 101 -25.27 21.84 -21.82
C ARG C 101 -26.37 21.22 -22.68
N ARG C 102 -26.16 21.26 -24.00
CA ARG C 102 -27.21 20.88 -24.95
C ARG C 102 -26.84 19.60 -25.71
N PHE C 103 -26.56 18.53 -24.96
CA PHE C 103 -26.18 17.23 -25.53
C PHE C 103 -27.39 16.50 -26.10
N LEU C 120 -22.09 13.60 -16.19
CA LEU C 120 -22.02 14.99 -15.76
C LEU C 120 -22.81 15.25 -14.46
N VAL C 121 -23.22 14.18 -13.81
CA VAL C 121 -23.93 14.26 -12.53
C VAL C 121 -22.94 14.66 -11.43
N GLY C 122 -23.34 15.61 -10.59
CA GLY C 122 -22.48 16.11 -9.52
C GLY C 122 -21.57 17.23 -10.00
N ASN C 123 -21.87 17.78 -11.17
CA ASN C 123 -21.12 18.89 -11.72
C ASN C 123 -21.88 20.19 -11.57
N LEU C 124 -21.62 20.87 -10.46
CA LEU C 124 -22.24 22.16 -10.14
C LEU C 124 -22.33 23.11 -11.33
N MET C 125 -21.29 23.10 -12.17
CA MET C 125 -21.21 24.02 -13.32
C MET C 125 -22.27 23.78 -14.37
N ASP C 126 -22.87 22.59 -14.37
CA ASP C 126 -23.89 22.26 -15.36
C ASP C 126 -25.30 22.27 -14.76
N TYR C 127 -25.42 22.86 -13.58
CA TYR C 127 -26.68 22.89 -12.86
C TYR C 127 -27.22 24.32 -12.78
N ASP C 128 -28.51 24.48 -13.04
CA ASP C 128 -29.18 25.75 -12.82
C ASP C 128 -29.92 25.72 -11.49
N PRO C 129 -30.15 26.90 -10.88
CA PRO C 129 -31.07 26.94 -9.74
C PRO C 129 -32.47 26.58 -10.24
N PRO C 130 -33.27 25.86 -9.43
CA PRO C 130 -33.05 25.48 -8.03
C PRO C 130 -32.04 24.36 -7.76
N GLU C 131 -31.76 23.50 -8.75
CA GLU C 131 -30.95 22.30 -8.52
C GLU C 131 -29.51 22.62 -8.15
N HIS C 132 -29.00 23.72 -8.70
CA HIS C 132 -27.66 24.18 -8.37
C HIS C 132 -27.58 24.61 -6.91
N THR C 133 -28.63 25.28 -6.44
CA THR C 133 -28.70 25.78 -5.08
C THR C 133 -28.65 24.64 -4.06
N ARG C 134 -29.36 23.55 -4.34
CA ARG C 134 -29.36 22.36 -3.47
C ARG C 134 -27.96 21.76 -3.34
N LEU C 135 -27.32 21.47 -4.48
CA LEU C 135 -26.02 20.79 -4.50
C LEU C 135 -24.90 21.66 -3.95
N ARG C 136 -24.93 22.95 -4.29
CA ARG C 136 -24.00 23.95 -3.73
C ARG C 136 -24.10 23.98 -2.21
N ARG C 137 -25.35 23.93 -1.71
CA ARG C 137 -25.63 23.91 -0.27
C ARG C 137 -25.09 22.63 0.38
N LEU C 138 -25.14 21.52 -0.37
CA LEU C 138 -24.59 20.25 0.08
C LEU C 138 -23.07 20.24 0.17
N LEU C 139 -22.43 20.83 -0.83
CA LEU C 139 -20.98 20.71 -1.01
C LEU C 139 -20.16 21.75 -0.23
N ALA C 140 -20.75 22.92 0.03
CA ALA C 140 -20.05 24.05 0.67
C ALA C 140 -19.39 23.76 2.02
N PRO C 141 -20.01 22.91 2.88
CA PRO C 141 -19.33 22.61 4.15
C PRO C 141 -17.99 21.88 4.02
N GLY C 142 -17.72 21.30 2.85
CA GLY C 142 -16.40 20.77 2.54
C GLY C 142 -15.38 21.86 2.29
N PHE C 143 -15.84 23.11 2.24
CA PHE C 143 -14.99 24.25 1.88
C PHE C 143 -15.02 25.39 2.88
N THR C 144 -15.42 25.11 4.13
CA THR C 144 -15.51 26.17 5.14
C THR C 144 -14.13 26.72 5.50
N HIS C 145 -14.13 27.88 6.13
CA HIS C 145 -12.91 28.54 6.59
C HIS C 145 -11.99 27.57 7.33
N ARG C 146 -12.54 26.93 8.37
CA ARG C 146 -11.80 25.98 9.21
C ARG C 146 -11.21 24.80 8.40
N LYS C 147 -12.02 24.20 7.52
CA LYS C 147 -11.59 23.06 6.72
C LYS C 147 -10.35 23.35 5.87
N ILE C 148 -10.37 24.46 5.14
CA ILE C 148 -9.23 24.86 4.30
C ILE C 148 -8.04 25.25 5.17
N ARG C 149 -8.29 26.04 6.20
CA ARG C 149 -7.25 26.45 7.15
C ARG C 149 -6.52 25.25 7.72
N ARG C 150 -7.27 24.21 8.08
CA ARG C 150 -6.70 23.01 8.69
C ARG C 150 -6.03 22.08 7.66
N MET C 151 -6.11 22.43 6.38
CA MET C 151 -5.45 21.68 5.32
C MET C 151 -4.02 22.15 5.05
N ALA C 152 -3.69 23.34 5.55
CA ALA C 152 -2.37 23.95 5.31
C ALA C 152 -1.19 23.04 5.66
N PRO C 153 -1.12 22.51 6.90
CA PRO C 153 0.05 21.68 7.26
C PRO C 153 0.26 20.53 6.29
N TYR C 154 -0.82 19.98 5.75
CA TYR C 154 -0.71 18.89 4.80
C TYR C 154 -0.26 19.35 3.41
N ILE C 155 -0.71 20.52 2.98
CA ILE C 155 -0.26 21.09 1.70
C ILE C 155 1.25 21.33 1.75
N GLU C 156 1.71 21.91 2.87
CA GLU C 156 3.14 22.12 3.13
C GLU C 156 3.93 20.82 2.97
N GLN C 157 3.38 19.73 3.48
CA GLN C 157 4.05 18.42 3.42
C GLN C 157 4.02 17.88 2.00
N ILE C 158 2.93 18.15 1.28
CA ILE C 158 2.82 17.77 -0.13
C ILE C 158 3.90 18.44 -0.96
N VAL C 159 4.03 19.76 -0.76
CA VAL C 159 4.97 20.58 -1.49
C VAL C 159 6.40 20.18 -1.15
N THR C 160 6.65 19.94 0.14
CA THR C 160 7.98 19.53 0.59
C THR C 160 8.41 18.17 0.01
N GLU C 161 7.48 17.21 -0.04
CA GLU C 161 7.75 15.91 -0.62
C GLU C 161 8.19 16.04 -2.07
N ARG C 162 7.51 16.92 -2.81
CA ARG C 162 7.79 17.10 -4.22
C ARG C 162 9.06 17.93 -4.50
N LEU C 163 9.40 18.82 -3.57
CA LEU C 163 10.70 19.51 -3.63
C LEU C 163 11.85 18.55 -3.44
N ASP C 164 11.69 17.59 -2.52
CA ASP C 164 12.70 16.58 -2.27
C ASP C 164 12.84 15.59 -3.43
N GLU C 165 11.74 15.28 -4.11
CA GLU C 165 11.80 14.47 -5.32
C GLU C 165 12.61 15.16 -6.42
N MET C 166 12.40 16.47 -6.59
CA MET C 166 13.17 17.27 -7.53
C MET C 166 14.67 17.13 -7.30
N GLU C 167 15.10 17.20 -6.04
CA GLU C 167 16.51 17.13 -5.70
C GLU C 167 17.11 15.77 -5.97
N ARG C 168 16.32 14.71 -5.80
CA ARG C 168 16.78 13.35 -6.10
C ARG C 168 16.79 13.04 -7.60
N GLU C 169 15.97 13.75 -8.36
CA GLU C 169 16.01 13.66 -9.81
C GLU C 169 17.27 14.35 -10.33
N GLY C 170 17.59 15.49 -9.74
CA GLY C 170 18.83 16.20 -10.03
C GLY C 170 18.67 17.34 -11.00
N SER C 171 19.49 18.37 -10.84
CA SER C 171 19.51 19.51 -11.73
C SER C 171 20.29 19.16 -12.99
N PRO C 172 19.76 19.50 -14.19
CA PRO C 172 18.48 20.18 -14.41
C PRO C 172 17.30 19.21 -14.43
N ALA C 173 16.16 19.68 -13.95
CA ALA C 173 14.96 18.87 -13.88
C ALA C 173 13.75 19.63 -14.45
N ASP C 174 12.72 18.88 -14.86
CA ASP C 174 11.50 19.45 -15.38
C ASP C 174 10.54 19.81 -14.25
N LEU C 175 10.36 21.10 -14.01
CA LEU C 175 9.47 21.59 -12.96
C LEU C 175 8.04 21.10 -13.10
N ILE C 176 7.55 21.00 -14.33
CA ILE C 176 6.16 20.58 -14.57
C ILE C 176 5.91 19.14 -14.16
N GLU C 177 6.73 18.23 -14.70
CA GLU C 177 6.64 16.80 -14.42
C GLU C 177 6.76 16.48 -12.93
N LEU C 178 7.64 17.20 -12.24
CA LEU C 178 7.95 16.84 -10.85
C LEU C 178 7.29 17.71 -9.80
N PHE C 179 6.89 18.93 -10.16
CA PHE C 179 6.33 19.86 -9.19
C PHE C 179 4.93 20.32 -9.58
N ALA C 180 4.82 21.03 -10.71
CA ALA C 180 3.56 21.62 -11.17
C ALA C 180 2.39 20.65 -11.31
N ASP C 181 2.61 19.57 -12.06
CA ASP C 181 1.59 18.53 -12.26
C ASP C 181 1.36 17.65 -11.02
N GLU C 182 2.22 17.76 -10.02
CA GLU C 182 2.18 16.82 -8.89
C GLU C 182 1.65 17.38 -7.56
N VAL C 183 1.47 18.69 -7.49
CA VAL C 183 1.01 19.33 -6.25
C VAL C 183 -0.52 19.27 -6.06
N PRO C 184 -1.29 19.58 -7.13
CA PRO C 184 -2.75 19.74 -6.96
C PRO C 184 -3.48 18.46 -6.56
N GLY C 185 -3.06 17.33 -7.14
CA GLY C 185 -3.71 16.05 -6.94
C GLY C 185 -3.82 15.59 -5.49
N PRO C 186 -2.67 15.49 -4.79
CA PRO C 186 -2.73 15.12 -3.38
C PRO C 186 -3.58 16.08 -2.54
N VAL C 187 -3.55 17.36 -2.87
CA VAL C 187 -4.39 18.36 -2.19
C VAL C 187 -5.87 18.02 -2.39
N LEU C 188 -6.23 17.68 -3.62
CA LEU C 188 -7.60 17.31 -3.95
C LEU C 188 -8.06 16.06 -3.21
N CYS C 189 -7.18 15.07 -3.09
CA CYS C 189 -7.48 13.85 -2.37
C CYS C 189 -7.86 14.14 -0.93
N GLU C 190 -7.13 15.07 -0.32
CA GLU C 190 -7.36 15.47 1.06
C GLU C 190 -8.71 16.17 1.19
N LEU C 191 -8.99 17.07 0.25
CA LEU C 191 -10.30 17.72 0.17
C LEU C 191 -11.44 16.71 0.16
N LEU C 192 -11.30 15.69 -0.69
CA LEU C 192 -12.34 14.67 -0.86
C LEU C 192 -12.35 13.65 0.26
N GLY C 193 -11.21 13.50 0.94
CA GLY C 193 -11.06 12.48 1.97
C GLY C 193 -10.63 11.09 1.50
N VAL C 194 -9.94 11.03 0.37
CA VAL C 194 -9.25 9.81 -0.06
C VAL C 194 -8.15 9.53 0.96
N PRO C 195 -8.03 8.27 1.43
CA PRO C 195 -6.94 7.96 2.36
C PRO C 195 -5.59 8.43 1.81
N ARG C 196 -4.77 9.01 2.68
CA ARG C 196 -3.46 9.53 2.29
C ARG C 196 -2.59 8.48 1.56
N ASP C 197 -2.67 7.24 2.03
CA ASP C 197 -1.91 6.14 1.42
C ASP C 197 -2.43 5.69 0.06
N ASP C 198 -3.70 5.99 -0.24
CA ASP C 198 -4.28 5.69 -1.54
C ASP C 198 -3.95 6.73 -2.62
N ARG C 199 -3.22 7.79 -2.24
CA ARG C 199 -2.83 8.90 -3.12
C ARG C 199 -2.35 8.50 -4.51
N ALA C 200 -1.25 7.75 -4.55
CA ALA C 200 -0.57 7.45 -5.81
C ALA C 200 -1.47 6.66 -6.75
N MET C 201 -2.17 5.67 -6.20
CA MET C 201 -3.04 4.82 -7.01
C MET C 201 -4.29 5.57 -7.50
N PHE C 202 -4.92 6.36 -6.64
CA PHE C 202 -6.10 7.14 -7.01
C PHE C 202 -5.80 8.08 -8.16
N LEU C 203 -4.76 8.88 -7.99
CA LEU C 203 -4.36 9.88 -8.98
C LEU C 203 -3.96 9.28 -10.34
N GLN C 204 -3.20 8.18 -10.35
CA GLN C 204 -2.87 7.50 -11.60
C GLN C 204 -4.11 6.95 -12.32
N LEU C 205 -5.04 6.37 -11.57
CA LEU C 205 -6.30 5.88 -12.14
C LEU C 205 -7.16 7.03 -12.66
N CYS C 206 -7.29 8.08 -11.87
CA CYS C 206 -8.04 9.26 -12.29
C CYS C 206 -7.44 9.89 -13.54
N HIS C 207 -6.10 10.00 -13.53
CA HIS C 207 -5.37 10.63 -14.61
C HIS C 207 -5.72 9.98 -15.94
N ARG C 208 -5.77 8.65 -15.94
CA ARG C 208 -5.96 7.87 -17.15
C ARG C 208 -7.42 7.95 -17.61
N HIS C 209 -8.34 8.04 -16.65
CA HIS C 209 -9.77 8.21 -16.95
C HIS C 209 -10.08 9.58 -17.56
N LEU C 210 -9.28 10.58 -17.20
CA LEU C 210 -9.42 11.93 -17.70
C LEU C 210 -8.49 12.22 -18.87
N ASP C 211 -7.84 11.18 -19.40
CA ASP C 211 -6.85 11.34 -20.47
C ASP C 211 -7.54 11.48 -21.82
N ALA C 212 -7.34 12.64 -22.46
CA ALA C 212 -8.02 12.97 -23.72
C ALA C 212 -7.39 12.26 -24.93
N SER C 213 -6.16 11.78 -24.78
CA SER C 213 -5.44 11.06 -25.83
C SER C 213 -5.95 9.63 -26.05
N LEU C 214 -6.71 9.12 -25.08
CA LEU C 214 -7.21 7.75 -25.14
C LEU C 214 -8.57 7.68 -25.81
N SER C 215 -8.73 6.66 -26.64
CA SER C 215 -10.01 6.40 -27.31
C SER C 215 -10.35 4.92 -27.22
N GLY C 216 -11.49 4.56 -27.81
CA GLY C 216 -11.92 3.17 -27.92
C GLY C 216 -11.83 2.35 -26.64
N ARG C 217 -11.22 1.16 -26.76
CA ARG C 217 -11.16 0.19 -25.68
C ARG C 217 -10.28 0.56 -24.51
N ARG C 218 -9.27 1.39 -24.77
CA ARG C 218 -8.38 1.86 -23.70
C ARG C 218 -9.11 2.86 -22.82
N ARG C 219 -9.84 3.78 -23.45
CA ARG C 219 -10.60 4.79 -22.74
C ARG C 219 -11.68 4.16 -21.86
N ALA C 220 -12.29 3.09 -22.37
CA ALA C 220 -13.27 2.31 -21.60
C ALA C 220 -12.61 1.58 -20.43
N ALA C 221 -11.47 0.95 -20.69
CA ALA C 221 -10.74 0.21 -19.65
C ALA C 221 -10.31 1.11 -18.48
N ALA C 222 -9.94 2.34 -18.79
CA ALA C 222 -9.53 3.29 -17.74
C ALA C 222 -10.72 3.73 -16.88
N GLY C 223 -11.89 3.84 -17.51
CA GLY C 223 -13.13 4.14 -16.80
C GLY C 223 -13.56 3.09 -15.79
N GLU C 224 -13.52 1.82 -16.21
CA GLU C 224 -13.94 0.70 -15.36
C GLU C 224 -13.09 0.57 -14.09
N ALA C 225 -11.79 0.78 -14.24
CA ALA C 225 -10.84 0.58 -13.14
C ALA C 225 -10.90 1.71 -12.13
N PHE C 226 -11.07 2.93 -12.63
CA PHE C 226 -11.26 4.09 -11.78
C PHE C 226 -12.59 3.98 -11.04
N SER C 227 -13.61 3.50 -11.74
CA SER C 227 -14.93 3.26 -11.15
C SER C 227 -14.87 2.18 -10.08
N ARG C 228 -14.11 1.13 -10.36
CA ARG C 228 -13.87 0.03 -9.41
C ARG C 228 -13.33 0.54 -8.07
N TYR C 229 -12.40 1.51 -8.10
CA TYR C 229 -11.89 2.11 -6.87
C TYR C 229 -12.94 2.99 -6.21
N LEU C 230 -13.62 3.82 -7.00
CA LEU C 230 -14.65 4.70 -6.51
C LEU C 230 -15.80 3.98 -5.82
N VAL C 231 -16.10 2.76 -6.26
CA VAL C 231 -17.11 1.93 -5.61
C VAL C 231 -16.65 1.52 -4.22
N THR C 232 -15.38 1.17 -4.11
CA THR C 232 -14.79 0.78 -2.83
C THR C 232 -14.80 1.96 -1.86
N MET C 233 -14.44 3.15 -2.36
CA MET C 233 -14.36 4.35 -1.54
C MET C 233 -15.71 4.72 -0.93
N VAL C 234 -16.76 4.69 -1.73
CA VAL C 234 -18.12 5.00 -1.26
C VAL C 234 -18.58 4.00 -0.20
N ALA C 235 -18.27 2.73 -0.40
CA ALA C 235 -18.60 1.67 0.56
C ALA C 235 -17.91 1.91 1.92
N ARG C 236 -16.67 2.38 1.88
CA ARG C 236 -15.94 2.74 3.09
C ARG C 236 -16.59 3.91 3.81
N GLU C 237 -17.06 4.89 3.03
CA GLU C 237 -17.66 6.10 3.59
C GLU C 237 -19.06 5.82 4.16
N ARG C 238 -19.85 4.98 3.48
CA ARG C 238 -21.15 4.56 4.00
C ARG C 238 -20.97 3.81 5.32
N LYS C 239 -19.94 2.97 5.35
CA LYS C 239 -19.60 2.17 6.53
C LYS C 239 -19.08 3.08 7.66
N ASP C 240 -18.12 3.94 7.33
CA ASP C 240 -17.50 4.83 8.32
C ASP C 240 -17.22 6.21 7.72
N PRO C 241 -18.14 7.17 7.90
CA PRO C 241 -17.96 8.50 7.33
C PRO C 241 -16.65 9.15 7.78
N GLY C 242 -15.86 9.60 6.79
CA GLY C 242 -14.59 10.28 7.04
C GLY C 242 -14.71 11.79 7.16
N ASP C 243 -13.56 12.46 7.19
CA ASP C 243 -13.52 13.91 7.44
C ASP C 243 -13.55 14.75 6.15
N GLY C 244 -13.26 14.11 5.01
CA GLY C 244 -13.25 14.81 3.73
C GLY C 244 -14.63 15.14 3.22
N LEU C 245 -14.69 15.68 2.00
CA LEU C 245 -15.94 16.11 1.39
C LEU C 245 -16.96 14.97 1.33
N ILE C 246 -16.53 13.80 0.88
CA ILE C 246 -17.41 12.65 0.67
C ILE C 246 -18.05 12.15 1.97
N GLY C 247 -17.23 11.84 2.96
CA GLY C 247 -17.70 11.39 4.26
C GLY C 247 -18.61 12.39 4.95
N MET C 248 -18.28 13.67 4.82
CA MET C 248 -19.07 14.74 5.42
C MET C 248 -20.47 14.81 4.79
N VAL C 249 -20.55 14.57 3.48
CA VAL C 249 -21.83 14.52 2.77
C VAL C 249 -22.71 13.38 3.29
N VAL C 250 -22.16 12.17 3.39
CA VAL C 250 -22.92 11.01 3.84
C VAL C 250 -23.34 11.13 5.33
N ALA C 251 -22.45 11.69 6.15
CA ALA C 251 -22.72 11.87 7.57
C ALA C 251 -23.95 12.73 7.83
N GLU C 252 -24.00 13.90 7.20
CA GLU C 252 -25.08 14.87 7.41
C GLU C 252 -26.32 14.57 6.56
N HIS C 253 -26.11 14.14 5.31
CA HIS C 253 -27.20 13.95 4.35
C HIS C 253 -27.21 12.55 3.71
N GLY C 254 -26.85 11.53 4.49
CA GLY C 254 -26.80 10.15 4.02
C GLY C 254 -28.14 9.62 3.53
N ASP C 255 -28.12 9.01 2.35
CA ASP C 255 -29.31 8.48 1.66
C ASP C 255 -30.44 9.48 1.41
N THR C 256 -30.05 10.72 1.16
CA THR C 256 -30.88 11.68 0.42
C THR C 256 -30.02 12.11 -0.77
N VAL C 257 -28.93 11.38 -0.96
CA VAL C 257 -28.00 11.58 -2.08
C VAL C 257 -27.38 10.23 -2.45
N THR C 258 -27.43 9.91 -3.75
CA THR C 258 -27.05 8.59 -4.25
C THR C 258 -25.53 8.39 -4.36
N ASP C 259 -25.12 7.14 -4.52
CA ASP C 259 -23.73 6.77 -4.75
C ASP C 259 -23.30 7.23 -6.14
N GLU C 260 -24.25 7.19 -7.06
CA GLU C 260 -24.14 7.80 -8.38
C GLU C 260 -23.55 9.21 -8.24
N GLU C 261 -24.22 10.05 -7.44
CA GLU C 261 -23.83 11.43 -7.21
C GLU C 261 -22.45 11.55 -6.56
N LEU C 262 -22.20 10.70 -5.56
CA LEU C 262 -20.93 10.73 -4.82
C LEU C 262 -19.70 10.47 -5.70
N ARG C 263 -19.80 9.47 -6.57
CA ARG C 263 -18.72 9.19 -7.54
C ARG C 263 -18.53 10.38 -8.47
N GLY C 264 -19.64 10.97 -8.91
CA GLY C 264 -19.64 12.16 -9.75
C GLY C 264 -18.95 13.35 -9.10
N VAL C 265 -19.21 13.54 -7.80
CA VAL C 265 -18.58 14.59 -7.03
C VAL C 265 -17.06 14.49 -7.13
N CYS C 266 -16.53 13.32 -6.82
CA CYS C 266 -15.09 13.06 -6.90
C CYS C 266 -14.51 13.43 -8.26
N VAL C 267 -15.09 12.87 -9.32
CA VAL C 267 -14.60 13.07 -10.67
C VAL C 267 -14.61 14.56 -11.06
N GLN C 268 -15.69 15.25 -10.72
CA GLN C 268 -15.84 16.64 -11.12
C GLN C 268 -14.94 17.57 -10.32
N MET C 269 -14.67 17.22 -9.07
CA MET C 269 -13.71 17.98 -8.27
C MET C 269 -12.29 17.84 -8.85
N MET C 270 -11.94 16.62 -9.29
CA MET C 270 -10.64 16.40 -9.90
C MET C 270 -10.51 17.21 -11.18
N LEU C 271 -11.61 17.31 -11.92
CA LEU C 271 -11.66 18.02 -13.19
C LEU C 271 -11.55 19.52 -12.96
N ALA C 272 -12.02 19.97 -11.81
CA ALA C 272 -12.13 21.39 -11.52
C ALA C 272 -10.88 22.01 -10.88
N GLY C 273 -10.17 21.23 -10.09
CA GLY C 273 -9.06 21.76 -9.31
C GLY C 273 -7.66 21.29 -9.65
N ASP C 274 -7.47 20.72 -10.84
CA ASP C 274 -6.17 20.15 -11.20
C ASP C 274 -5.46 21.01 -12.24
N ASP C 275 -6.00 21.05 -13.46
CA ASP C 275 -5.41 21.79 -14.57
C ASP C 275 -5.22 23.28 -14.29
N ASN C 276 -6.18 23.90 -13.62
CA ASN C 276 -6.06 25.29 -13.19
C ASN C 276 -4.84 25.54 -12.27
N ILE C 277 -4.69 24.74 -11.22
CA ILE C 277 -3.57 24.87 -10.32
C ILE C 277 -2.23 24.56 -11.00
N SER C 278 -2.16 23.45 -11.75
CA SER C 278 -0.91 23.05 -12.40
C SER C 278 -0.49 24.06 -13.46
N GLY C 279 -1.47 24.62 -14.16
CA GLY C 279 -1.27 25.75 -15.06
C GLY C 279 -0.69 26.97 -14.35
N MET C 280 -1.31 27.33 -13.23
CA MET C 280 -0.85 28.44 -12.40
C MET C 280 0.58 28.30 -11.82
N ILE C 281 0.94 27.11 -11.36
CA ILE C 281 2.28 26.86 -10.84
C ILE C 281 3.33 27.06 -11.96
N GLY C 282 3.11 26.39 -13.09
CA GLY C 282 3.99 26.52 -14.26
C GLY C 282 4.07 27.93 -14.81
N LEU C 283 2.91 28.57 -15.01
CA LEU C 283 2.87 29.91 -15.61
C LEU C 283 3.40 31.01 -14.71
N GLY C 284 3.13 30.88 -13.41
CA GLY C 284 3.56 31.88 -12.44
C GLY C 284 5.06 31.83 -12.18
N VAL C 285 5.61 30.62 -12.17
CA VAL C 285 7.06 30.43 -11.99
C VAL C 285 7.83 31.05 -13.15
N LEU C 286 7.40 30.80 -14.38
CA LEU C 286 8.03 31.43 -15.54
C LEU C 286 7.85 32.95 -15.51
N ALA C 287 6.64 33.40 -15.19
CA ALA C 287 6.35 34.82 -15.06
C ALA C 287 7.30 35.49 -14.06
N LEU C 288 7.48 34.86 -12.91
CA LEU C 288 8.42 35.35 -11.90
C LEU C 288 9.88 35.32 -12.38
N LEU C 289 10.30 34.22 -13.00
CA LEU C 289 11.69 34.12 -13.48
C LEU C 289 12.01 35.11 -14.60
N ARG C 290 10.98 35.53 -15.32
CA ARG C 290 11.12 36.56 -16.36
C ARG C 290 11.09 37.97 -15.77
N ASN C 291 10.44 38.11 -14.62
CA ASN C 291 10.46 39.37 -13.87
C ASN C 291 11.02 39.15 -12.47
N PRO C 292 12.34 38.85 -12.36
CA PRO C 292 12.92 38.41 -11.10
C PRO C 292 12.76 39.39 -9.92
N GLU C 293 12.62 40.67 -10.22
CA GLU C 293 12.44 41.70 -9.18
C GLU C 293 11.20 41.43 -8.33
N GLN C 294 10.17 40.85 -8.95
CA GLN C 294 8.88 40.55 -8.30
C GLN C 294 8.95 39.37 -7.32
N ILE C 295 9.98 38.55 -7.42
CA ILE C 295 10.18 37.37 -6.57
C ILE C 295 10.26 37.72 -5.07
N ALA C 296 10.74 38.94 -4.78
CA ALA C 296 10.87 39.45 -3.41
C ALA C 296 9.58 39.35 -2.59
N ALA C 297 8.44 39.60 -3.23
CA ALA C 297 7.14 39.51 -2.55
C ALA C 297 6.82 38.11 -1.99
N LEU C 298 7.54 37.09 -2.45
CA LEU C 298 7.39 35.73 -1.92
C LEU C 298 8.40 35.43 -0.79
N ARG C 299 9.25 36.41 -0.49
CA ARG C 299 10.28 36.24 0.56
C ARG C 299 9.91 37.01 1.83
N GLY C 300 8.91 37.88 1.73
CA GLY C 300 8.45 38.67 2.88
C GLY C 300 7.42 37.95 3.73
N ASP C 301 6.42 38.68 4.18
CA ASP C 301 5.39 38.17 5.08
C ASP C 301 4.22 37.57 4.28
N VAL C 302 3.26 37.00 4.99
CA VAL C 302 2.09 36.37 4.37
C VAL C 302 1.28 37.32 3.48
N PRO C 303 0.86 38.50 4.01
CA PRO C 303 0.06 39.38 3.14
C PRO C 303 0.74 39.74 1.81
N ALA C 304 2.04 40.05 1.83
CA ALA C 304 2.78 40.35 0.60
C ALA C 304 2.68 39.18 -0.39
N ALA C 305 2.84 37.97 0.11
CA ALA C 305 2.72 36.76 -0.73
C ALA C 305 1.31 36.54 -1.27
N GLU C 306 0.29 36.87 -0.47
CA GLU C 306 -1.12 36.78 -0.90
C GLU C 306 -1.41 37.77 -2.03
N ARG C 307 -0.94 39.02 -1.85
CA ARG C 307 -1.05 40.03 -2.90
C ARG C 307 -0.37 39.57 -4.18
N ALA C 308 0.83 39.01 -4.04
CA ALA C 308 1.53 38.43 -5.19
C ALA C 308 0.68 37.37 -5.90
N VAL C 309 0.09 36.47 -5.13
CA VAL C 309 -0.70 35.38 -5.70
C VAL C 309 -1.94 35.88 -6.46
N ASP C 310 -2.71 36.79 -5.86
CA ASP C 310 -3.89 37.31 -6.54
C ASP C 310 -3.54 38.13 -7.79
N GLU C 311 -2.42 38.86 -7.77
CA GLU C 311 -1.96 39.53 -8.98
C GLU C 311 -1.58 38.51 -10.06
N LEU C 312 -0.92 37.43 -9.65
CA LEU C 312 -0.58 36.34 -10.58
C LEU C 312 -1.80 35.69 -11.20
N ILE C 313 -2.83 35.41 -10.39
CA ILE C 313 -4.10 34.85 -10.89
C ILE C 313 -4.71 35.73 -11.99
N ARG C 314 -4.77 37.04 -11.73
CA ARG C 314 -5.36 38.02 -12.68
C ARG C 314 -4.55 38.15 -13.96
N TYR C 315 -3.24 38.35 -13.82
CA TYR C 315 -2.35 38.56 -14.97
C TYR C 315 -2.36 37.35 -15.90
N LEU C 316 -2.40 36.15 -15.34
CA LEU C 316 -2.32 34.92 -16.12
C LEU C 316 -3.67 34.37 -16.55
N THR C 317 -4.66 34.41 -15.68
CA THR C 317 -6.01 33.96 -16.01
C THR C 317 -6.03 32.65 -16.80
N VAL C 318 -5.67 31.56 -16.15
CA VAL C 318 -5.57 30.30 -16.84
C VAL C 318 -6.85 29.82 -17.53
N PRO C 319 -8.04 29.98 -16.98
CA PRO C 319 -9.20 29.53 -17.75
C PRO C 319 -9.55 30.55 -18.82
N TYR C 320 -9.65 30.07 -20.06
CA TYR C 320 -10.00 30.95 -21.18
C TYR C 320 -11.42 31.53 -21.04
N ALA C 321 -12.32 30.72 -20.50
CA ALA C 321 -13.74 31.09 -20.40
C ALA C 321 -14.40 30.26 -19.31
N PRO C 322 -15.53 30.75 -18.76
CA PRO C 322 -16.33 29.88 -17.91
C PRO C 322 -17.28 29.04 -18.76
N THR C 323 -18.18 28.32 -18.11
CA THR C 323 -19.22 27.54 -18.79
C THR C 323 -20.10 28.47 -19.63
N PRO C 324 -20.32 28.12 -20.92
CA PRO C 324 -21.21 28.88 -21.82
C PRO C 324 -22.58 29.18 -21.21
N ARG C 325 -23.07 30.39 -21.43
CA ARG C 325 -24.34 30.84 -20.87
C ARG C 325 -25.38 31.03 -21.98
N THR C 326 -26.48 30.29 -21.89
CA THR C 326 -27.57 30.41 -22.85
C THR C 326 -28.71 31.21 -22.21
N ALA C 327 -29.20 32.21 -22.94
CA ALA C 327 -30.31 33.03 -22.46
C ALA C 327 -31.63 32.25 -22.45
N ILE C 328 -32.34 32.31 -21.33
CA ILE C 328 -33.65 31.68 -21.20
C ILE C 328 -34.75 32.70 -21.46
N GLU C 329 -34.39 33.98 -21.35
CA GLU C 329 -35.27 35.09 -21.71
C GLU C 329 -34.43 36.32 -22.08
N ASP C 330 -35.02 37.21 -22.86
CA ASP C 330 -34.35 38.42 -23.34
C ASP C 330 -33.79 39.27 -22.19
N SER C 331 -32.55 39.71 -22.32
CA SER C 331 -31.95 40.66 -21.38
C SER C 331 -31.08 41.68 -22.12
N THR C 332 -30.80 42.81 -21.47
CA THR C 332 -29.91 43.81 -22.03
C THR C 332 -28.58 43.81 -21.26
N VAL C 333 -27.50 43.50 -21.95
CA VAL C 333 -26.15 43.51 -21.37
C VAL C 333 -25.32 44.58 -22.09
N GLY C 334 -24.63 45.39 -21.31
CA GLY C 334 -23.86 46.52 -21.84
C GLY C 334 -24.75 47.47 -22.62
N ASP C 335 -24.52 47.54 -23.92
CA ASP C 335 -25.35 48.35 -24.82
C ASP C 335 -26.44 47.55 -25.54
N GLN C 336 -26.27 46.23 -25.65
CA GLN C 336 -27.09 45.43 -26.57
C GLN C 336 -28.03 44.42 -25.93
N VAL C 337 -29.07 44.05 -26.68
CA VAL C 337 -30.05 43.06 -26.27
C VAL C 337 -29.62 41.66 -26.70
N ILE C 338 -29.60 40.73 -25.74
CA ILE C 338 -29.34 39.32 -26.02
C ILE C 338 -30.66 38.55 -26.04
N LYS C 339 -30.98 37.99 -27.22
CA LYS C 339 -32.23 37.26 -27.43
C LYS C 339 -32.18 35.87 -26.79
N ALA C 340 -33.33 35.40 -26.34
CA ALA C 340 -33.48 34.07 -25.76
C ALA C 340 -33.09 32.98 -26.77
N GLY C 341 -32.23 32.07 -26.34
CA GLY C 341 -31.73 31.02 -27.21
C GLY C 341 -30.28 31.25 -27.59
N GLU C 342 -29.93 32.52 -27.78
CA GLU C 342 -28.54 32.91 -28.09
C GLU C 342 -27.60 32.63 -26.92
N THR C 343 -26.40 32.14 -27.24
CA THR C 343 -25.40 31.80 -26.22
C THR C 343 -24.34 32.90 -26.07
N VAL C 344 -23.73 32.97 -24.88
CA VAL C 344 -22.72 33.98 -24.57
C VAL C 344 -21.45 33.37 -23.95
N LEU C 345 -20.31 33.68 -24.57
CA LEU C 345 -19.01 33.25 -24.06
C LEU C 345 -18.25 34.42 -23.46
N CYS C 346 -17.73 34.22 -22.25
CA CYS C 346 -17.02 35.27 -21.52
C CYS C 346 -15.51 35.03 -21.52
N SER C 347 -14.77 36.00 -22.05
CA SER C 347 -13.31 35.89 -22.05
C SER C 347 -12.74 36.46 -20.77
N LEU C 348 -12.43 35.56 -19.84
CA LEU C 348 -11.89 35.97 -18.55
C LEU C 348 -10.51 36.65 -18.65
N PRO C 349 -9.63 36.16 -19.54
CA PRO C 349 -8.35 36.88 -19.66
C PRO C 349 -8.49 38.33 -20.13
N THR C 350 -9.36 38.59 -21.10
CA THR C 350 -9.52 39.93 -21.65
C THR C 350 -10.27 40.85 -20.70
N ALA C 351 -11.21 40.28 -19.94
CA ALA C 351 -11.91 41.03 -18.92
C ALA C 351 -10.97 41.43 -17.76
N ASN C 352 -9.97 40.60 -17.51
CA ASN C 352 -8.98 40.91 -16.48
C ASN C 352 -7.83 41.81 -16.96
N ARG C 353 -7.90 42.27 -18.21
CA ARG C 353 -6.96 43.26 -18.74
C ARG C 353 -7.68 44.55 -19.11
N ASP C 354 -8.94 44.65 -18.68
CA ASP C 354 -9.79 45.81 -18.92
C ASP C 354 -9.27 47.00 -18.13
N PRO C 355 -9.06 48.15 -18.81
CA PRO C 355 -8.61 49.38 -18.13
C PRO C 355 -9.61 49.88 -17.08
N ALA C 356 -10.86 49.46 -17.19
CA ALA C 356 -11.90 49.79 -16.20
C ALA C 356 -11.72 49.04 -14.88
N LEU C 357 -10.99 47.93 -14.91
CA LEU C 357 -10.69 47.18 -13.70
C LEU C 357 -9.49 47.77 -12.97
N LEU C 358 -8.39 47.99 -13.68
CA LEU C 358 -7.17 48.57 -13.12
C LEU C 358 -6.30 49.25 -14.19
N PRO C 359 -5.56 50.26 -13.83
CA PRO C 359 -4.84 51.07 -14.79
C PRO C 359 -3.75 50.48 -15.64
N ASP C 360 -2.84 49.72 -15.10
CA ASP C 360 -1.73 49.29 -15.91
C ASP C 360 -1.92 47.82 -15.86
N ALA C 361 -2.91 47.40 -16.60
CA ALA C 361 -3.48 46.05 -16.59
C ALA C 361 -2.55 45.06 -17.28
N ASP C 362 -1.83 45.50 -18.30
CA ASP C 362 -0.99 44.59 -19.06
C ASP C 362 0.38 44.37 -18.44
N ARG C 363 0.65 45.02 -17.31
CA ARG C 363 1.87 44.79 -16.55
C ARG C 363 1.63 43.87 -15.36
N LEU C 364 2.59 43.00 -15.09
CA LEU C 364 2.62 42.22 -13.87
C LEU C 364 3.23 43.06 -12.75
N ASP C 365 2.47 43.24 -11.67
CA ASP C 365 2.96 44.00 -10.52
C ASP C 365 2.42 43.38 -9.24
N VAL C 366 3.25 42.53 -8.64
CA VAL C 366 2.89 41.79 -7.42
C VAL C 366 2.69 42.65 -6.17
N THR C 367 3.03 43.92 -6.23
CA THR C 367 2.84 44.82 -5.10
C THR C 367 1.48 45.46 -5.00
N ARG C 368 0.69 45.41 -6.04
CA ARG C 368 -0.57 46.06 -5.95
C ARG C 368 -1.62 45.39 -5.12
N GLU C 369 -2.54 46.20 -4.66
CA GLU C 369 -3.66 45.75 -3.89
C GLU C 369 -4.56 45.00 -4.83
N ALA C 370 -5.04 43.87 -4.37
CA ALA C 370 -5.89 43.01 -5.19
C ALA C 370 -7.14 43.72 -5.69
N VAL C 371 -7.53 43.38 -6.92
CA VAL C 371 -8.71 43.94 -7.58
C VAL C 371 -9.81 42.88 -7.76
N PRO C 372 -11.06 43.33 -8.01
CA PRO C 372 -12.17 42.37 -8.20
C PRO C 372 -12.19 41.70 -9.60
N HIS C 373 -11.16 40.91 -9.90
CA HIS C 373 -11.08 40.20 -11.19
C HIS C 373 -12.06 39.04 -11.31
N VAL C 374 -12.28 38.59 -12.54
CA VAL C 374 -13.23 37.50 -12.83
C VAL C 374 -12.57 36.14 -13.15
N ALA C 375 -11.33 35.94 -12.71
CA ALA C 375 -10.63 34.67 -12.97
C ALA C 375 -11.27 33.50 -12.23
N PHE C 376 -11.99 33.79 -11.15
CA PHE C 376 -12.71 32.79 -10.40
C PHE C 376 -14.21 32.86 -10.70
N GLY C 377 -14.56 33.56 -11.78
CA GLY C 377 -15.95 33.82 -12.08
C GLY C 377 -16.59 34.87 -11.17
N HIS C 378 -17.90 34.75 -10.99
CA HIS C 378 -18.73 35.76 -10.32
C HIS C 378 -20.18 35.27 -10.27
N GLY C 379 -20.84 35.47 -9.14
CA GLY C 379 -22.23 35.05 -8.98
C GLY C 379 -22.36 33.79 -8.12
N VAL C 380 -23.43 33.03 -8.36
CA VAL C 380 -23.73 31.81 -7.61
C VAL C 380 -22.77 30.66 -7.93
N HIS C 381 -22.16 30.73 -9.11
CA HIS C 381 -21.18 29.72 -9.55
C HIS C 381 -19.74 30.08 -9.20
N HIS C 382 -19.54 31.16 -8.46
CA HIS C 382 -18.18 31.58 -8.09
C HIS C 382 -17.42 30.39 -7.55
N CYS C 383 -16.14 30.31 -7.93
CA CYS C 383 -15.30 29.15 -7.64
C CYS C 383 -15.36 28.74 -6.18
N LEU C 384 -15.86 27.54 -5.94
CA LEU C 384 -15.95 27.02 -4.57
C LEU C 384 -14.57 26.70 -3.98
N GLY C 385 -13.57 26.52 -4.84
CA GLY C 385 -12.22 26.20 -4.39
C GLY C 385 -11.26 27.36 -4.30
N ALA C 386 -11.77 28.60 -4.49
CA ALA C 386 -10.89 29.79 -4.59
C ALA C 386 -9.91 29.98 -3.42
N ALA C 387 -10.41 29.90 -2.19
CA ALA C 387 -9.55 30.05 -1.01
C ALA C 387 -8.50 28.95 -0.94
N LEU C 388 -8.88 27.73 -1.34
CA LEU C 388 -7.96 26.61 -1.40
C LEU C 388 -6.91 26.84 -2.48
N ALA C 389 -7.36 27.29 -3.64
CA ALA C 389 -6.47 27.63 -4.75
C ALA C 389 -5.41 28.64 -4.32
N ARG C 390 -5.85 29.77 -3.77
CA ARG C 390 -4.95 30.81 -3.26
C ARG C 390 -3.94 30.30 -2.22
N LEU C 391 -4.40 29.51 -1.26
CA LEU C 391 -3.54 28.95 -0.20
C LEU C 391 -2.49 27.99 -0.77
N GLU C 392 -2.97 27.09 -1.64
CA GLU C 392 -2.16 26.10 -2.32
C GLU C 392 -1.00 26.78 -3.05
N LEU C 393 -1.33 27.82 -3.80
CA LEU C 393 -0.36 28.53 -4.63
C LEU C 393 0.64 29.31 -3.80
N ARG C 394 0.16 29.97 -2.75
CA ARG C 394 1.05 30.66 -1.83
C ARG C 394 2.12 29.73 -1.26
N ILE C 395 1.69 28.58 -0.72
CA ILE C 395 2.62 27.60 -0.16
C ILE C 395 3.61 27.09 -1.22
N ALA C 396 3.10 26.83 -2.42
CA ALA C 396 3.92 26.26 -3.50
C ALA C 396 5.03 27.21 -3.94
N TYR C 397 4.67 28.44 -4.34
CA TYR C 397 5.67 29.43 -4.74
C TYR C 397 6.64 29.76 -3.60
N THR C 398 6.13 29.92 -2.38
CA THR C 398 6.95 30.26 -1.22
C THR C 398 7.95 29.17 -0.85
N ALA C 399 7.49 27.92 -0.79
CA ALA C 399 8.35 26.78 -0.45
C ALA C 399 9.42 26.56 -1.52
N LEU C 400 9.02 26.77 -2.77
CA LEU C 400 9.88 26.61 -3.93
C LEU C 400 11.12 27.52 -3.86
N TRP C 401 10.91 28.82 -3.65
CA TRP C 401 12.05 29.74 -3.62
C TRP C 401 12.84 29.67 -2.32
N ARG C 402 12.22 29.17 -1.26
CA ARG C 402 12.90 28.94 0.00
C ARG C 402 13.94 27.81 -0.17
N ARG C 403 13.57 26.78 -0.94
CA ARG C 403 14.46 25.65 -1.18
C ARG C 403 15.51 25.97 -2.24
N PHE C 404 15.09 26.67 -3.30
CA PHE C 404 15.98 27.02 -4.39
C PHE C 404 16.09 28.53 -4.63
N PRO C 405 16.84 29.25 -3.75
CA PRO C 405 16.99 30.69 -3.90
C PRO C 405 17.56 31.10 -5.27
N ASP C 406 18.50 30.31 -5.78
CA ASP C 406 19.12 30.58 -7.07
C ASP C 406 18.44 29.85 -8.24
N LEU C 407 17.15 29.54 -8.08
CA LEU C 407 16.35 28.94 -9.16
C LEU C 407 16.49 29.75 -10.43
N ARG C 408 16.78 29.07 -11.53
CA ARG C 408 16.90 29.70 -12.85
C ARG C 408 16.33 28.78 -13.92
N LEU C 409 16.01 29.38 -15.06
CA LEU C 409 15.71 28.63 -16.27
C LEU C 409 16.98 28.00 -16.80
N ALA C 410 16.90 26.72 -17.16
CA ALA C 410 18.02 25.99 -17.74
C ALA C 410 18.34 26.50 -19.13
N ASP C 411 17.31 26.91 -19.87
CA ASP C 411 17.50 27.45 -21.21
C ASP C 411 16.67 28.71 -21.42
N PRO C 412 17.22 29.88 -21.04
CA PRO C 412 16.48 31.15 -21.11
C PRO C 412 16.32 31.65 -22.54
N ASP C 413 17.09 31.09 -23.48
CA ASP C 413 16.99 31.48 -24.88
C ASP C 413 15.91 30.67 -25.64
N GLY C 414 15.53 29.53 -25.08
CA GLY C 414 14.62 28.60 -25.74
C GLY C 414 13.17 29.06 -25.85
N ALA C 415 12.44 28.45 -26.78
CA ALA C 415 11.01 28.72 -26.93
C ALA C 415 10.22 28.06 -25.80
N THR C 416 9.25 28.80 -25.26
CA THR C 416 8.39 28.26 -24.21
C THR C 416 7.41 27.22 -24.75
N GLU C 417 7.28 26.11 -24.03
CA GLU C 417 6.36 25.03 -24.40
C GLU C 417 5.02 25.18 -23.67
N PHE C 418 4.11 25.94 -24.30
CA PHE C 418 2.78 26.20 -23.76
C PHE C 418 1.84 25.01 -23.92
N ARG C 419 0.98 24.81 -22.92
CA ARG C 419 0.00 23.73 -22.89
C ARG C 419 -1.27 24.18 -23.62
N LEU C 420 -1.48 23.66 -24.82
CA LEU C 420 -2.48 24.21 -25.74
C LEU C 420 -3.77 23.40 -25.93
N SER C 421 -3.74 22.11 -25.58
CA SER C 421 -4.88 21.21 -25.86
C SER C 421 -6.04 21.20 -24.84
N THR C 422 -5.94 22.01 -23.79
CA THR C 422 -6.82 21.88 -22.61
C THR C 422 -7.80 23.05 -22.37
N PRO C 423 -8.72 22.90 -21.40
CA PRO C 423 -9.55 24.01 -20.89
C PRO C 423 -8.80 25.02 -20.02
N ALA C 424 -7.53 24.74 -19.69
CA ALA C 424 -6.72 25.65 -18.90
C ALA C 424 -5.33 25.86 -19.49
N TYR C 425 -4.99 27.12 -19.72
CA TYR C 425 -3.66 27.53 -20.14
C TYR C 425 -2.62 27.06 -19.12
N GLY C 426 -1.38 26.87 -19.59
CA GLY C 426 -0.32 26.36 -18.75
C GLY C 426 0.94 26.07 -19.53
N ILE C 427 1.89 25.44 -18.85
CA ILE C 427 3.18 25.11 -19.45
C ILE C 427 3.37 23.59 -19.43
N SER C 428 3.74 23.02 -20.57
CA SER C 428 3.91 21.57 -20.72
C SER C 428 5.18 21.05 -20.06
N ARG C 429 6.24 21.85 -20.17
CA ARG C 429 7.58 21.43 -19.81
C ARG C 429 8.39 22.68 -19.50
N LEU C 430 9.19 22.63 -18.42
CA LEU C 430 10.04 23.76 -18.06
C LEU C 430 11.28 23.27 -17.31
N MET C 431 12.42 23.32 -17.98
CA MET C 431 13.67 22.86 -17.39
C MET C 431 14.28 23.94 -16.50
N VAL C 432 14.52 23.57 -15.24
CA VAL C 432 15.13 24.50 -14.28
C VAL C 432 16.43 23.98 -13.64
N THR C 433 17.30 24.91 -13.24
CA THR C 433 18.49 24.61 -12.46
C THR C 433 18.43 25.35 -11.13
N TRP C 434 19.33 24.99 -10.21
CA TRP C 434 19.36 25.59 -8.88
C TRP C 434 20.73 25.42 -8.21
#